data_4EO3
#
_entry.id   4EO3
#
_cell.length_a   60.500
_cell.length_b   113.175
_cell.length_c   121.833
_cell.angle_alpha   90.00
_cell.angle_beta   90.00
_cell.angle_gamma   90.00
#
_symmetry.space_group_name_H-M   'P 21 21 21'
#
loop_
_entity.id
_entity.type
_entity.pdbx_description
1 polymer 'Bacterioferritin comigratory protein/NADH dehydrogenase'
2 non-polymer 'FLAVIN MONONUCLEOTIDE'
3 non-polymer 'SULFATE ION'
4 non-polymer (4R)-2-METHYLPENTANE-2,4-DIOL
5 water water
#
_entity_poly.entity_id   1
_entity_poly.type   'polypeptide(L)'
_entity_poly.pdbx_seq_one_letter_code
;MARVKHFELLTDEGKTFTHVDLYGKYTILFFFPKAGTSGSTREAVEFSRENFEKAQVVGISRDSVEALKRFKEKNDLKVT
LLSDPEGILHEFFNVLENGKTVRSTFLIDRWGFVRKEWRRVKVEGHVQEVKEALDRLIEEDLSLNKHIEWRRARRALKKD
RVPREELELLIKAAHLAPSCMNNQPWRFVVVDEEELLKKIHEALPGGNYWMKNAPALIAVHSKKDFDCALPDNRDYFLFD
TGLAVGNLLVQATQMGLVAHPVAGYDPVKVKEILKIPEDHVLITLIAVGYLGDESELSEKHRELERSERVRKELSEIVRW
NL
;
_entity_poly.pdbx_strand_id   A,B
#
# COMPACT_ATOMS: atom_id res chain seq x y z
N ALA A 2 7.19 -15.62 7.35
CA ALA A 2 6.72 -15.51 8.74
C ALA A 2 7.51 -14.44 9.50
N ARG A 3 7.02 -14.09 10.68
CA ARG A 3 7.72 -13.16 11.54
C ARG A 3 8.62 -13.88 12.54
N VAL A 4 9.79 -13.33 12.81
CA VAL A 4 10.77 -13.98 13.70
C VAL A 4 10.25 -14.07 15.14
N LYS A 5 10.42 -15.23 15.78
CA LYS A 5 10.02 -15.44 17.16
C LYS A 5 10.81 -14.56 18.11
N HIS A 6 10.28 -14.36 19.32
CA HIS A 6 11.05 -13.73 20.39
C HIS A 6 12.22 -14.65 20.73
N PHE A 7 13.40 -14.09 20.95
CA PHE A 7 14.56 -14.90 21.31
C PHE A 7 15.62 -14.07 22.01
N GLU A 8 16.55 -14.75 22.67
CA GLU A 8 17.77 -14.09 23.14
C GLU A 8 18.94 -15.03 22.93
N LEU A 9 19.98 -14.52 22.31
CA LEU A 9 21.22 -15.28 22.11
C LEU A 9 22.42 -14.41 22.42
N LEU A 10 23.54 -15.05 22.73
CA LEU A 10 24.78 -14.33 22.96
C LEU A 10 25.56 -14.11 21.65
N THR A 11 26.18 -12.94 21.53
CA THR A 11 27.02 -12.62 20.37
C THR A 11 28.45 -13.11 20.60
N ASP A 12 29.29 -12.91 19.61
CA ASP A 12 30.71 -13.24 19.73
C ASP A 12 31.38 -12.43 20.84
N GLU A 13 30.74 -11.33 21.26
CA GLU A 13 31.26 -10.51 22.35
C GLU A 13 30.67 -10.92 23.70
N GLY A 14 29.75 -11.87 23.69
CA GLY A 14 29.08 -12.32 24.89
C GLY A 14 27.96 -11.39 25.34
N LYS A 15 27.54 -10.48 24.46
CA LYS A 15 26.41 -9.59 24.72
C LYS A 15 25.11 -10.28 24.32
N THR A 16 24.00 -9.90 24.93
CA THR A 16 22.71 -10.49 24.57
C THR A 16 22.13 -9.74 23.36
N PHE A 17 21.68 -10.51 22.38
CA PHE A 17 21.05 -9.99 21.16
C PHE A 17 19.66 -10.62 21.12
N THR A 18 18.62 -9.82 20.88
CA THR A 18 17.26 -10.33 20.89
C THR A 18 16.53 -9.92 19.61
N HIS A 19 15.27 -10.32 19.50
CA HIS A 19 14.46 -9.90 18.36
C HIS A 19 14.37 -8.38 18.29
N VAL A 20 14.44 -7.70 19.44
CA VAL A 20 14.39 -6.24 19.44
C VAL A 20 15.57 -5.66 18.65
N ASP A 21 16.67 -6.39 18.60
CA ASP A 21 17.84 -5.94 17.85
C ASP A 21 17.67 -6.13 16.33
N LEU A 22 16.66 -6.91 15.93
CA LEU A 22 16.27 -6.99 14.52
C LEU A 22 15.33 -5.86 14.15
N TYR A 23 14.46 -5.48 15.08
CA TYR A 23 13.51 -4.40 14.79
C TYR A 23 14.23 -3.11 14.41
N GLY A 24 13.67 -2.38 13.44
CA GLY A 24 14.19 -1.07 13.09
C GLY A 24 15.39 -1.11 12.17
N LYS A 25 15.75 -2.31 11.73
CA LYS A 25 16.79 -2.50 10.72
C LYS A 25 16.36 -3.54 9.71
N TYR A 26 17.02 -3.54 8.55
CA TYR A 26 16.96 -4.69 7.67
C TYR A 26 18.12 -5.56 8.08
N THR A 27 17.91 -6.87 8.09
CA THR A 27 18.95 -7.77 8.55
C THR A 27 19.18 -8.88 7.54
N ILE A 28 20.44 -9.15 7.24
CA ILE A 28 20.82 -10.35 6.52
C ILE A 28 21.25 -11.33 7.60
N LEU A 29 20.52 -12.43 7.76
CA LEU A 29 20.87 -13.43 8.76
C LEU A 29 21.39 -14.66 8.04
N PHE A 30 22.69 -14.92 8.15
CA PHE A 30 23.26 -16.06 7.41
C PHE A 30 23.70 -17.19 8.33
N PHE A 31 23.06 -18.35 8.16
CA PHE A 31 23.40 -19.53 8.92
C PHE A 31 24.55 -20.27 8.25
N PHE A 32 25.53 -20.70 9.03
CA PHE A 32 26.59 -21.55 8.48
C PHE A 32 26.82 -22.72 9.42
N PRO A 33 27.26 -23.86 8.89
CA PRO A 33 27.33 -25.05 9.74
C PRO A 33 28.38 -24.96 10.85
N LYS A 34 29.58 -24.48 10.55
CA LYS A 34 30.67 -24.48 11.51
C LYS A 34 31.69 -23.40 11.20
N ALA A 35 32.07 -22.62 12.21
CA ALA A 35 33.09 -21.60 12.03
C ALA A 35 34.41 -22.22 11.59
N GLY A 36 35.15 -21.51 10.74
CA GLY A 36 36.51 -21.90 10.43
C GLY A 36 36.71 -22.78 9.21
N THR A 37 35.65 -23.41 8.71
CA THR A 37 35.77 -24.19 7.48
C THR A 37 35.99 -23.27 6.29
N SER A 38 36.48 -23.83 5.19
CA SER A 38 36.84 -23.00 4.03
C SER A 38 35.67 -22.17 3.50
N GLY A 39 34.55 -22.84 3.23
CA GLY A 39 33.40 -22.18 2.65
C GLY A 39 32.79 -21.14 3.57
N SER A 40 32.63 -21.49 4.84
CA SER A 40 32.04 -20.58 5.81
C SER A 40 32.96 -19.38 6.07
N THR A 41 34.27 -19.62 6.04
CA THR A 41 35.22 -18.54 6.18
C THR A 41 35.03 -17.56 5.03
N ARG A 42 34.95 -18.07 3.81
CA ARG A 42 34.75 -17.23 2.63
C ARG A 42 33.43 -16.48 2.72
N GLU A 43 32.37 -17.18 3.07
CA GLU A 43 31.07 -16.54 3.14
C GLU A 43 31.11 -15.34 4.09
N ALA A 44 31.65 -15.56 5.28
CA ALA A 44 31.69 -14.52 6.32
C ALA A 44 32.59 -13.36 5.91
N VAL A 45 33.73 -13.70 5.33
CA VAL A 45 34.65 -12.68 4.84
C VAL A 45 34.03 -11.81 3.74
N GLU A 46 33.34 -12.43 2.80
CA GLU A 46 32.68 -11.70 1.72
C GLU A 46 31.51 -10.83 2.21
N PHE A 47 30.73 -11.33 3.17
CA PHE A 47 29.67 -10.49 3.74
C PHE A 47 30.26 -9.29 4.45
N SER A 48 31.38 -9.50 5.13
CA SER A 48 32.00 -8.45 5.93
C SER A 48 32.59 -7.35 5.05
N ARG A 49 33.10 -7.73 3.89
CA ARG A 49 33.74 -6.77 2.99
C ARG A 49 32.73 -5.92 2.22
N GLU A 50 31.53 -6.45 2.01
CA GLU A 50 30.50 -5.70 1.28
C GLU A 50 29.88 -4.62 2.14
N ASN A 51 29.29 -3.62 1.49
CA ASN A 51 28.54 -2.60 2.22
C ASN A 51 27.06 -2.72 1.94
N PHE A 52 26.26 -2.82 2.99
CA PHE A 52 24.81 -2.94 2.85
C PHE A 52 24.12 -1.76 3.53
N GLU A 53 23.68 -0.82 2.71
CA GLU A 53 23.03 0.38 3.21
C GLU A 53 21.73 0.06 3.93
N LYS A 54 21.58 0.61 5.14
CA LYS A 54 20.36 0.47 5.94
C LYS A 54 20.11 -0.97 6.42
N ALA A 55 21.14 -1.80 6.35
CA ALA A 55 21.02 -3.16 6.87
C ALA A 55 22.20 -3.56 7.76
N GLN A 56 21.98 -4.58 8.59
CA GLN A 56 23.05 -5.18 9.38
C GLN A 56 23.23 -6.62 8.94
N VAL A 57 24.45 -7.12 9.08
CA VAL A 57 24.75 -8.48 8.71
C VAL A 57 25.02 -9.29 9.97
N VAL A 58 24.29 -10.38 10.13
CA VAL A 58 24.40 -11.21 11.32
C VAL A 58 24.61 -12.67 10.91
N GLY A 59 25.77 -13.22 11.23
CA GLY A 59 26.03 -14.63 11.02
C GLY A 59 25.57 -15.42 12.23
N ILE A 60 25.24 -16.70 12.03
CA ILE A 60 24.75 -17.51 13.14
C ILE A 60 25.10 -18.98 12.91
N SER A 61 25.59 -19.63 13.97
CA SER A 61 25.91 -21.04 13.92
C SER A 61 25.69 -21.63 15.29
N ARG A 62 25.95 -22.92 15.45
CA ARG A 62 25.81 -23.56 16.75
CA ARG A 62 25.80 -23.55 16.76
C ARG A 62 27.12 -23.53 17.54
N ASP A 63 28.09 -22.78 17.04
CA ASP A 63 29.38 -22.61 17.70
C ASP A 63 29.27 -21.86 19.03
N SER A 64 30.22 -22.14 19.93
CA SER A 64 30.32 -21.37 21.17
C SER A 64 30.69 -19.91 20.92
N VAL A 65 30.42 -19.07 21.92
CA VAL A 65 30.83 -17.68 21.87
C VAL A 65 32.34 -17.55 21.62
N GLU A 66 33.15 -18.33 22.35
CA GLU A 66 34.59 -18.24 22.18
C GLU A 66 35.04 -18.63 20.78
N ALA A 67 34.48 -19.71 20.22
CA ALA A 67 34.82 -20.12 18.86
C ALA A 67 34.45 -19.03 17.85
N LEU A 68 33.32 -18.39 18.05
CA LEU A 68 32.94 -17.26 17.19
C LEU A 68 33.86 -16.05 17.36
N LYS A 69 34.21 -15.73 18.60
CA LYS A 69 35.16 -14.65 18.85
C LYS A 69 36.46 -14.87 18.07
N ARG A 70 37.01 -16.09 18.15
CA ARG A 70 38.24 -16.44 17.47
CA ARG A 70 38.25 -16.39 17.47
C ARG A 70 38.10 -16.39 15.95
N PHE A 71 36.96 -16.88 15.47
CA PHE A 71 36.64 -16.86 14.04
C PHE A 71 36.63 -15.44 13.52
N LYS A 72 36.04 -14.53 14.29
CA LYS A 72 36.03 -13.11 13.93
C LYS A 72 37.42 -12.50 13.95
N GLU A 73 38.17 -12.75 15.02
CA GLU A 73 39.51 -12.16 15.18
CA GLU A 73 39.51 -12.16 15.18
C GLU A 73 40.43 -12.62 14.06
N LYS A 74 40.43 -13.93 13.80
CA LYS A 74 41.31 -14.48 12.78
C LYS A 74 41.05 -13.91 11.38
N ASN A 75 39.80 -13.56 11.10
CA ASN A 75 39.44 -13.08 9.77
C ASN A 75 39.06 -11.61 9.70
N ASP A 76 39.30 -10.88 10.79
CA ASP A 76 38.94 -9.47 10.88
C ASP A 76 37.50 -9.22 10.40
N LEU A 77 36.58 -10.07 10.84
CA LEU A 77 35.18 -9.94 10.44
C LEU A 77 34.54 -8.73 11.11
N LYS A 78 33.77 -7.99 10.32
CA LYS A 78 33.05 -6.83 10.83
C LYS A 78 31.56 -7.09 10.68
N VAL A 79 31.11 -8.18 11.32
CA VAL A 79 29.69 -8.52 11.37
C VAL A 79 29.40 -8.98 12.79
N THR A 80 28.12 -9.04 13.14
CA THR A 80 27.72 -9.64 14.40
C THR A 80 27.64 -11.13 14.17
N LEU A 81 28.11 -11.93 15.13
CA LEU A 81 27.92 -13.37 15.08
C LEU A 81 27.14 -13.84 16.30
N LEU A 82 26.16 -14.71 16.07
CA LEU A 82 25.33 -15.26 17.14
C LEU A 82 25.67 -16.71 17.44
N SER A 83 25.88 -16.99 18.72
CA SER A 83 26.04 -18.35 19.21
C SER A 83 24.69 -18.99 19.52
N ASP A 84 24.39 -20.11 18.84
CA ASP A 84 23.09 -20.77 19.03
C ASP A 84 23.25 -22.27 19.30
N PRO A 85 23.96 -22.62 20.38
CA PRO A 85 24.24 -24.04 20.66
C PRO A 85 22.98 -24.89 20.77
N GLU A 86 21.89 -24.32 21.28
CA GLU A 86 20.67 -25.08 21.49
C GLU A 86 19.83 -25.16 20.22
N GLY A 87 20.26 -24.44 19.19
CA GLY A 87 19.54 -24.40 17.92
C GLY A 87 18.17 -23.76 17.98
N ILE A 88 18.01 -22.77 18.85
CA ILE A 88 16.76 -22.05 18.96
C ILE A 88 16.33 -21.44 17.63
N LEU A 89 17.22 -20.67 17.01
CA LEU A 89 16.88 -20.11 15.70
C LEU A 89 17.10 -21.10 14.56
N HIS A 90 18.02 -22.04 14.74
CA HIS A 90 18.20 -23.10 13.73
C HIS A 90 16.89 -23.87 13.51
N GLU A 91 16.21 -24.20 14.59
CA GLU A 91 14.90 -24.86 14.50
C GLU A 91 13.84 -23.93 13.94
N PHE A 92 13.78 -22.71 14.46
CA PHE A 92 12.74 -21.81 14.02
C PHE A 92 12.81 -21.54 12.52
N PHE A 93 14.03 -21.32 12.02
CA PHE A 93 14.20 -21.10 10.59
C PHE A 93 14.23 -22.39 9.76
N ASN A 94 14.14 -23.54 10.42
CA ASN A 94 14.02 -24.84 9.76
C ASN A 94 15.24 -25.17 8.91
N VAL A 95 16.43 -24.93 9.44
CA VAL A 95 17.64 -25.15 8.67
C VAL A 95 18.35 -26.45 9.04
N LEU A 96 17.68 -27.27 9.84
CA LEU A 96 18.27 -28.54 10.23
C LEU A 96 17.69 -29.69 9.40
N GLU A 97 18.59 -30.43 8.76
CA GLU A 97 18.21 -31.63 8.04
C GLU A 97 18.87 -32.80 8.73
N ASN A 98 18.05 -33.70 9.25
CA ASN A 98 18.56 -34.81 10.04
C ASN A 98 19.58 -34.32 11.05
N GLY A 99 19.27 -33.20 11.71
CA GLY A 99 20.10 -32.67 12.79
C GLY A 99 21.32 -31.86 12.39
N LYS A 100 21.53 -31.71 11.09
CA LYS A 100 22.73 -31.03 10.58
C LYS A 100 22.33 -29.70 9.98
N THR A 101 23.17 -28.69 10.13
CA THR A 101 22.87 -27.37 9.58
C THR A 101 23.04 -27.30 8.08
N VAL A 102 21.98 -26.85 7.40
CA VAL A 102 22.03 -26.55 5.98
C VAL A 102 22.31 -25.06 5.83
N ARG A 103 23.38 -24.72 5.11
CA ARG A 103 23.73 -23.32 4.85
C ARG A 103 22.51 -22.60 4.27
N SER A 104 22.03 -21.56 4.96
CA SER A 104 20.80 -20.87 4.57
C SER A 104 20.90 -19.40 4.98
N THR A 105 20.23 -18.52 4.25
CA THR A 105 20.28 -17.08 4.51
C THR A 105 18.90 -16.46 4.39
N PHE A 106 18.63 -15.45 5.21
CA PHE A 106 17.32 -14.81 5.25
C PHE A 106 17.45 -13.29 5.26
N LEU A 107 16.54 -12.60 4.56
CA LEU A 107 16.40 -11.15 4.68
C LEU A 107 15.20 -10.88 5.57
N ILE A 108 15.42 -10.10 6.62
CA ILE A 108 14.40 -9.80 7.61
C ILE A 108 14.18 -8.28 7.61
N ASP A 109 12.93 -7.84 7.51
CA ASP A 109 12.64 -6.40 7.48
C ASP A 109 12.57 -5.74 8.87
N ARG A 110 12.23 -4.46 8.89
CA ARG A 110 12.26 -3.68 10.14
C ARG A 110 11.18 -4.11 11.13
N TRP A 111 10.21 -4.89 10.67
CA TRP A 111 9.17 -5.40 11.56
C TRP A 111 9.53 -6.80 12.06
N GLY A 112 10.60 -7.38 11.53
CA GLY A 112 10.95 -8.76 11.83
C GLY A 112 10.34 -9.81 10.93
N PHE A 113 9.78 -9.39 9.79
CA PHE A 113 9.25 -10.35 8.81
C PHE A 113 10.34 -10.89 7.91
N VAL A 114 10.32 -12.20 7.67
CA VAL A 114 11.22 -12.77 6.68
C VAL A 114 10.68 -12.45 5.28
N ARG A 115 11.47 -11.73 4.49
CA ARG A 115 11.01 -11.25 3.19
C ARG A 115 11.58 -12.06 2.03
N LYS A 116 12.74 -12.66 2.23
CA LYS A 116 13.35 -13.54 1.23
C LYS A 116 14.21 -14.59 1.91
N GLU A 117 14.33 -15.76 1.29
CA GLU A 117 15.21 -16.80 1.85
C GLU A 117 16.02 -17.49 0.76
N TRP A 118 17.19 -18.00 1.15
CA TRP A 118 17.97 -18.91 0.31
C TRP A 118 18.29 -20.15 1.14
N ARG A 119 18.05 -21.32 0.59
CA ARG A 119 18.36 -22.56 1.30
C ARG A 119 19.28 -23.41 0.46
N ARG A 120 20.04 -24.29 1.11
CA ARG A 120 21.06 -25.11 0.44
C ARG A 120 21.97 -24.19 -0.37
N VAL A 121 22.50 -23.19 0.31
CA VAL A 121 23.26 -22.11 -0.29
C VAL A 121 24.61 -22.56 -0.87
N LYS A 122 24.89 -22.11 -2.09
CA LYS A 122 26.22 -22.24 -2.67
C LYS A 122 26.98 -20.95 -2.39
N VAL A 123 28.16 -21.05 -1.79
CA VAL A 123 28.89 -19.86 -1.33
C VAL A 123 29.29 -18.92 -2.47
N GLU A 124 29.83 -19.49 -3.55
CA GLU A 124 30.23 -18.66 -4.68
C GLU A 124 29.05 -17.85 -5.25
N GLY A 125 29.22 -16.53 -5.27
CA GLY A 125 28.22 -15.64 -5.82
C GLY A 125 27.10 -15.28 -4.85
N HIS A 126 27.10 -15.89 -3.66
CA HIS A 126 25.97 -15.73 -2.75
C HIS A 126 25.86 -14.30 -2.21
N VAL A 127 26.96 -13.76 -1.71
CA VAL A 127 26.89 -12.43 -1.12
C VAL A 127 26.35 -11.42 -2.13
N GLN A 128 26.78 -11.51 -3.38
CA GLN A 128 26.31 -10.57 -4.41
CA GLN A 128 26.31 -10.56 -4.39
C GLN A 128 24.83 -10.72 -4.72
N GLU A 129 24.35 -11.97 -4.77
CA GLU A 129 22.93 -12.23 -4.98
C GLU A 129 22.11 -11.62 -3.84
N VAL A 130 22.60 -11.78 -2.62
CA VAL A 130 21.92 -11.24 -1.44
C VAL A 130 21.92 -9.71 -1.44
N LYS A 131 23.05 -9.09 -1.80
CA LYS A 131 23.11 -7.64 -1.92
C LYS A 131 22.08 -7.08 -2.89
N GLU A 132 21.99 -7.69 -4.08
CA GLU A 132 21.04 -7.24 -5.08
C GLU A 132 19.59 -7.37 -4.59
N ALA A 133 19.28 -8.46 -3.91
CA ALA A 133 17.93 -8.69 -3.40
C ALA A 133 17.60 -7.69 -2.31
N LEU A 134 18.59 -7.43 -1.45
CA LEU A 134 18.40 -6.45 -0.39
C LEU A 134 18.18 -5.06 -0.98
N ASP A 135 18.99 -4.68 -1.96
CA ASP A 135 18.85 -3.38 -2.59
C ASP A 135 17.45 -3.19 -3.17
N ARG A 136 16.93 -4.21 -3.82
CA ARG A 136 15.59 -4.18 -4.38
C ARG A 136 14.53 -4.05 -3.28
N LEU A 137 14.72 -4.79 -2.19
CA LEU A 137 13.79 -4.75 -1.06
C LEU A 137 13.71 -3.34 -0.48
N ILE A 138 14.87 -2.76 -0.25
CA ILE A 138 14.94 -1.42 0.32
C ILE A 138 14.34 -0.40 -0.64
N GLU A 139 14.64 -0.57 -1.93
CA GLU A 139 14.09 0.31 -2.95
C GLU A 139 12.57 0.37 -2.83
N GLU A 140 11.93 -0.80 -2.78
CA GLU A 140 10.48 -0.84 -2.73
C GLU A 140 9.87 -0.34 -1.41
N ASP A 141 10.38 -0.81 -0.28
CA ASP A 141 9.80 -0.40 1.00
C ASP A 141 9.99 1.08 1.30
N LEU A 142 11.13 1.63 0.92
CA LEU A 142 11.49 2.98 1.38
C LEU A 142 11.27 4.04 0.31
N SER A 143 10.43 3.71 -0.67
CA SER A 143 10.03 4.69 -1.67
C SER A 143 8.56 5.00 -1.48
N LEU A 144 8.08 6.06 -2.14
CA LEU A 144 6.68 6.42 -2.07
C LEU A 144 5.76 5.26 -2.39
N ASN A 145 4.80 4.98 -1.53
CA ASN A 145 3.81 3.94 -1.77
C ASN A 145 3.14 4.07 -3.13
N LYS A 146 3.13 2.98 -3.90
CA LYS A 146 2.68 3.04 -5.29
C LYS A 146 1.19 3.38 -5.42
N HIS A 147 0.38 2.96 -4.45
CA HIS A 147 -1.05 3.21 -4.53
C HIS A 147 -1.37 4.65 -4.14
N ILE A 148 -0.68 5.17 -3.14
CA ILE A 148 -0.76 6.59 -2.80
C ILE A 148 -0.36 7.44 -4.01
N GLU A 149 0.75 7.06 -4.64
CA GLU A 149 1.23 7.79 -5.81
C GLU A 149 0.26 7.77 -6.99
N TRP A 150 -0.36 6.62 -7.24
CA TRP A 150 -1.26 6.48 -8.38
C TRP A 150 -2.66 7.05 -8.18
N ARG A 151 -3.11 7.13 -6.92
CA ARG A 151 -4.46 7.63 -6.66
C ARG A 151 -4.63 9.06 -7.14
N ARG A 152 -5.61 9.27 -8.01
CA ARG A 152 -5.94 10.60 -8.51
C ARG A 152 -7.45 10.80 -8.50
N ALA A 153 -7.89 12.07 -8.55
CA ALA A 153 -9.32 12.35 -8.61
C ALA A 153 -9.86 12.15 -10.03
N ARG A 154 -9.83 10.90 -10.48
CA ARG A 154 -10.30 10.57 -11.82
C ARG A 154 -11.81 10.69 -11.94
N ARG A 155 -12.27 11.12 -13.11
CA ARG A 155 -13.67 11.40 -13.33
C ARG A 155 -14.34 10.56 -14.42
N ALA A 156 -13.54 9.89 -15.27
CA ALA A 156 -14.12 8.99 -16.27
C ALA A 156 -14.39 7.63 -15.66
N LEU A 157 -15.66 7.26 -15.53
CA LEU A 157 -16.05 6.00 -14.90
C LEU A 157 -16.86 5.12 -15.85
N LYS A 158 -16.58 3.82 -15.86
CA LYS A 158 -17.41 2.90 -16.60
C LYS A 158 -18.69 2.64 -15.83
N LYS A 159 -19.76 2.33 -16.55
CA LYS A 159 -21.01 1.97 -15.91
C LYS A 159 -21.02 0.54 -15.36
N ASP A 160 -19.99 -0.24 -15.70
CA ASP A 160 -19.95 -1.65 -15.30
C ASP A 160 -20.12 -1.82 -13.80
N ARG A 161 -21.00 -2.73 -13.40
CA ARG A 161 -21.23 -3.04 -11.99
C ARG A 161 -19.93 -3.38 -11.25
N VAL A 162 -19.79 -2.85 -10.04
CA VAL A 162 -18.73 -3.30 -9.15
C VAL A 162 -19.30 -4.35 -8.22
N PRO A 163 -18.74 -5.56 -8.26
CA PRO A 163 -19.26 -6.66 -7.44
C PRO A 163 -19.32 -6.26 -5.96
N ARG A 164 -20.38 -6.66 -5.27
CA ARG A 164 -20.48 -6.35 -3.85
C ARG A 164 -19.29 -6.81 -3.03
N GLU A 165 -18.67 -7.94 -3.39
CA GLU A 165 -17.53 -8.40 -2.60
C GLU A 165 -16.38 -7.39 -2.67
N GLU A 166 -16.26 -6.69 -3.80
CA GLU A 166 -15.25 -5.66 -3.92
C GLU A 166 -15.66 -4.40 -3.14
N LEU A 167 -16.92 -4.01 -3.24
CA LEU A 167 -17.38 -2.85 -2.45
C LEU A 167 -17.20 -3.12 -0.95
N GLU A 168 -17.49 -4.34 -0.50
CA GLU A 168 -17.34 -4.66 0.90
CA GLU A 168 -17.33 -4.73 0.89
C GLU A 168 -15.90 -4.50 1.37
N LEU A 169 -14.94 -4.84 0.52
CA LEU A 169 -13.54 -4.68 0.88
C LEU A 169 -13.14 -3.23 1.07
N LEU A 170 -13.76 -2.31 0.32
CA LEU A 170 -13.45 -0.90 0.52
C LEU A 170 -13.85 -0.50 1.92
N ILE A 171 -15.03 -0.97 2.35
CA ILE A 171 -15.54 -0.63 3.67
C ILE A 171 -14.68 -1.28 4.77
N LYS A 172 -14.27 -2.53 4.54
CA LYS A 172 -13.43 -3.22 5.52
C LYS A 172 -12.11 -2.48 5.76
N ALA A 173 -11.51 -2.02 4.68
CA ALA A 173 -10.25 -1.28 4.78
C ALA A 173 -10.45 0.04 5.52
N ALA A 174 -11.54 0.73 5.22
CA ALA A 174 -11.87 1.97 5.91
C ALA A 174 -11.99 1.74 7.42
N HIS A 175 -12.65 0.65 7.80
CA HIS A 175 -12.98 0.34 9.19
C HIS A 175 -11.73 0.00 10.00
N LEU A 176 -10.62 -0.29 9.30
CA LEU A 176 -9.35 -0.57 10.00
C LEU A 176 -8.55 0.69 10.33
N ALA A 177 -9.06 1.86 9.98
CA ALA A 177 -8.46 3.12 10.43
C ALA A 177 -8.43 3.16 11.96
N PRO A 178 -7.45 3.87 12.53
CA PRO A 178 -7.48 4.14 13.98
C PRO A 178 -8.48 5.25 14.28
N SER A 179 -8.85 5.41 15.54
CA SER A 179 -9.70 6.53 15.95
C SER A 179 -9.49 6.81 17.42
N CYS A 180 -9.79 8.05 17.81
CA CYS A 180 -9.68 8.46 19.21
C CYS A 180 -10.52 7.53 20.08
N MET A 181 -9.89 6.94 21.10
CA MET A 181 -10.55 5.99 22.00
C MET A 181 -11.21 4.81 21.25
N ASN A 182 -10.70 4.49 20.06
CA ASN A 182 -11.31 3.45 19.22
C ASN A 182 -12.82 3.66 19.04
N ASN A 183 -13.25 4.91 19.00
CA ASN A 183 -14.68 5.24 18.87
C ASN A 183 -15.31 4.80 17.53
N GLN A 184 -14.50 4.73 16.47
CA GLN A 184 -15.01 4.28 15.17
C GLN A 184 -16.26 5.04 14.75
N PRO A 185 -16.12 6.37 14.56
CA PRO A 185 -17.27 7.25 14.31
C PRO A 185 -17.80 7.23 12.89
N TRP A 186 -17.13 6.56 11.96
CA TRP A 186 -17.54 6.59 10.56
C TRP A 186 -18.79 5.76 10.28
N ARG A 187 -19.64 6.26 9.37
CA ARG A 187 -20.80 5.50 8.93
C ARG A 187 -20.91 5.60 7.40
N PHE A 188 -21.32 4.50 6.77
CA PHE A 188 -21.38 4.45 5.32
C PHE A 188 -22.74 3.94 4.84
N VAL A 189 -23.25 4.56 3.78
CA VAL A 189 -24.34 3.95 3.02
C VAL A 189 -23.80 3.70 1.62
N VAL A 190 -23.72 2.43 1.24
CA VAL A 190 -23.26 2.07 -0.11
C VAL A 190 -24.48 1.95 -1.01
N VAL A 191 -24.50 2.74 -2.06
CA VAL A 191 -25.64 2.76 -2.97
C VAL A 191 -25.27 2.19 -4.32
N ASP A 192 -25.91 1.07 -4.68
CA ASP A 192 -25.71 0.53 -6.02
C ASP A 192 -27.02 0.21 -6.75
N GLU A 193 -28.15 0.48 -6.10
N GLU A 193 -28.15 0.48 -6.11
CA GLU A 193 -29.45 0.33 -6.73
CA GLU A 193 -29.43 0.26 -6.79
C GLU A 193 -29.64 1.44 -7.76
C GLU A 193 -29.72 1.41 -7.73
N GLU A 194 -30.01 1.07 -8.98
CA GLU A 194 -30.18 2.03 -10.06
C GLU A 194 -31.16 3.16 -9.79
N GLU A 195 -32.35 2.84 -9.30
CA GLU A 195 -33.36 3.88 -9.04
C GLU A 195 -32.94 4.82 -7.91
N LEU A 196 -32.29 4.27 -6.89
CA LEU A 196 -31.77 5.09 -5.79
C LEU A 196 -30.65 6.00 -6.30
N LEU A 197 -29.77 5.48 -7.15
CA LEU A 197 -28.73 6.31 -7.74
C LEU A 197 -29.33 7.48 -8.53
N LYS A 198 -30.36 7.19 -9.31
CA LYS A 198 -31.00 8.24 -10.10
C LYS A 198 -31.57 9.35 -9.22
N LYS A 199 -32.11 8.99 -8.06
CA LYS A 199 -32.63 10.00 -7.13
C LYS A 199 -31.52 10.88 -6.62
N ILE A 200 -30.38 10.27 -6.30
CA ILE A 200 -29.23 11.02 -5.81
C ILE A 200 -28.71 11.96 -6.90
N HIS A 201 -28.74 11.51 -8.14
CA HIS A 201 -28.24 12.32 -9.25
C HIS A 201 -28.93 13.68 -9.33
N GLU A 202 -30.20 13.71 -8.94
CA GLU A 202 -31.00 14.94 -8.98
CA GLU A 202 -30.97 14.96 -9.00
C GLU A 202 -30.54 15.98 -7.94
N ALA A 203 -29.80 15.51 -6.94
CA ALA A 203 -29.28 16.38 -5.90
C ALA A 203 -27.83 16.76 -6.15
N LEU A 204 -27.30 16.44 -7.34
CA LEU A 204 -25.94 16.81 -7.70
C LEU A 204 -25.95 18.08 -8.53
N PRO A 205 -24.90 18.92 -8.38
CA PRO A 205 -24.80 20.09 -9.27
C PRO A 205 -24.38 19.67 -10.68
N GLY A 206 -24.64 20.51 -11.66
CA GLY A 206 -24.36 20.17 -13.04
C GLY A 206 -22.90 19.82 -13.30
N GLY A 207 -22.00 20.49 -12.60
CA GLY A 207 -20.57 20.30 -12.80
C GLY A 207 -20.10 18.91 -12.37
N ASN A 208 -20.95 18.19 -11.65
CA ASN A 208 -20.63 16.81 -11.23
C ASN A 208 -21.34 15.77 -12.12
N TYR A 209 -21.69 16.18 -13.34
CA TYR A 209 -22.29 15.30 -14.36
C TYR A 209 -21.58 13.94 -14.43
N TRP A 210 -20.27 13.94 -14.24
CA TRP A 210 -19.46 12.74 -14.42
C TRP A 210 -19.81 11.64 -13.40
N MET A 211 -20.31 12.05 -12.23
CA MET A 211 -20.69 11.08 -11.20
C MET A 211 -21.85 10.21 -11.65
N LYS A 212 -22.65 10.69 -12.61
CA LYS A 212 -23.85 9.97 -13.00
C LYS A 212 -23.54 8.65 -13.72
N ASN A 213 -22.31 8.49 -14.18
CA ASN A 213 -21.90 7.21 -14.74
C ASN A 213 -21.45 6.19 -13.69
N ALA A 214 -21.23 6.63 -12.45
CA ALA A 214 -20.74 5.73 -11.41
C ALA A 214 -21.77 4.67 -11.04
N PRO A 215 -21.36 3.40 -11.02
CA PRO A 215 -22.25 2.30 -10.64
C PRO A 215 -22.46 2.16 -9.13
N ALA A 216 -21.70 2.90 -8.36
CA ALA A 216 -21.85 2.90 -6.91
C ALA A 216 -21.46 4.26 -6.37
N LEU A 217 -22.21 4.71 -5.38
CA LEU A 217 -21.87 5.90 -4.61
C LEU A 217 -21.85 5.51 -3.14
N ILE A 218 -20.82 5.96 -2.42
CA ILE A 218 -20.73 5.71 -0.99
C ILE A 218 -20.91 7.00 -0.21
N ALA A 219 -22.01 7.07 0.54
CA ALA A 219 -22.31 8.23 1.36
C ALA A 219 -21.63 8.04 2.71
N VAL A 220 -20.84 9.03 3.11
CA VAL A 220 -20.05 8.94 4.33
C VAL A 220 -20.57 9.99 5.31
N HIS A 221 -21.06 9.52 6.45
CA HIS A 221 -21.63 10.42 7.44
C HIS A 221 -21.16 10.10 8.85
N SER A 222 -21.28 11.08 9.74
CA SER A 222 -20.93 10.88 11.13
C SER A 222 -21.65 11.94 11.97
N LYS A 223 -21.40 11.93 13.26
CA LYS A 223 -22.03 12.87 14.18
C LYS A 223 -21.03 13.20 15.27
N LYS A 224 -21.03 14.45 15.74
CA LYS A 224 -20.01 14.92 16.66
C LYS A 224 -19.86 14.02 17.90
N ASP A 225 -20.98 13.61 18.48
CA ASP A 225 -20.89 12.85 19.74
C ASP A 225 -20.55 11.38 19.53
N PHE A 226 -20.27 11.00 18.29
CA PHE A 226 -19.76 9.66 17.99
C PHE A 226 -18.28 9.56 18.32
N ASP A 227 -17.63 10.69 18.60
CA ASP A 227 -16.18 10.67 18.79
C ASP A 227 -15.74 11.66 19.86
N CYS A 228 -14.46 11.62 20.20
CA CYS A 228 -13.88 12.57 21.16
C CYS A 228 -14.17 14.02 20.77
N ALA A 229 -14.53 14.84 21.77
CA ALA A 229 -14.69 16.28 21.58
C ALA A 229 -13.91 16.96 22.69
N LEU A 230 -12.69 17.40 22.39
CA LEU A 230 -11.73 17.80 23.41
C LEU A 230 -11.44 19.30 23.33
N PRO A 231 -10.84 19.86 24.40
CA PRO A 231 -10.57 21.29 24.48
C PRO A 231 -9.72 21.87 23.35
N ASP A 232 -9.83 23.18 23.18
CA ASP A 232 -9.18 23.90 22.09
C ASP A 232 -9.74 23.51 20.72
N ASN A 233 -11.04 23.25 20.69
CA ASN A 233 -11.77 23.01 19.44
C ASN A 233 -11.33 21.75 18.68
N ARG A 234 -10.94 20.73 19.43
CA ARG A 234 -10.49 19.49 18.84
C ARG A 234 -11.63 18.47 18.79
N ASP A 235 -12.46 18.58 17.75
CA ASP A 235 -13.53 17.63 17.52
C ASP A 235 -12.97 16.55 16.60
N TYR A 236 -13.13 15.29 16.98
CA TYR A 236 -12.43 14.21 16.25
C TYR A 236 -13.26 13.49 15.19
N PHE A 237 -14.58 13.63 15.21
CA PHE A 237 -15.41 12.79 14.36
C PHE A 237 -15.10 12.88 12.87
N LEU A 238 -14.87 14.09 12.37
CA LEU A 238 -14.62 14.21 10.94
C LEU A 238 -13.17 13.88 10.58
N PHE A 239 -12.22 14.27 11.44
CA PHE A 239 -10.83 13.88 11.27
C PHE A 239 -10.70 12.36 11.19
N ASP A 240 -11.29 11.66 12.16
CA ASP A 240 -11.22 10.20 12.21
C ASP A 240 -11.94 9.56 10.99
N THR A 241 -13.06 10.15 10.58
CA THR A 241 -13.73 9.66 9.39
C THR A 241 -12.83 9.85 8.16
N GLY A 242 -12.07 10.95 8.14
CA GLY A 242 -11.07 11.15 7.11
C GLY A 242 -9.99 10.08 7.10
N LEU A 243 -9.52 9.67 8.28
CA LEU A 243 -8.60 8.54 8.35
C LEU A 243 -9.19 7.32 7.64
N ALA A 244 -10.46 7.03 7.92
CA ALA A 244 -11.13 5.87 7.32
C ALA A 244 -11.25 6.02 5.81
N VAL A 245 -11.69 7.18 5.34
CA VAL A 245 -11.81 7.38 3.91
C VAL A 245 -10.44 7.32 3.22
N GLY A 246 -9.41 7.81 3.89
CA GLY A 246 -8.05 7.70 3.35
C GLY A 246 -7.67 6.25 3.07
N ASN A 247 -7.94 5.38 4.04
CA ASN A 247 -7.76 3.93 3.82
C ASN A 247 -8.60 3.41 2.66
N LEU A 248 -9.86 3.82 2.60
CA LEU A 248 -10.75 3.42 1.51
C LEU A 248 -10.14 3.74 0.14
N LEU A 249 -9.59 4.94 0.00
CA LEU A 249 -9.05 5.35 -1.30
C LEU A 249 -7.83 4.51 -1.67
N VAL A 250 -6.99 4.20 -0.69
CA VAL A 250 -5.83 3.34 -0.98
C VAL A 250 -6.29 1.96 -1.43
N GLN A 251 -7.25 1.39 -0.71
CA GLN A 251 -7.76 0.06 -1.04
C GLN A 251 -8.35 0.05 -2.45
N ALA A 252 -9.16 1.07 -2.76
CA ALA A 252 -9.77 1.15 -4.08
C ALA A 252 -8.71 1.16 -5.17
N THR A 253 -7.68 1.98 -4.97
CA THR A 253 -6.64 2.18 -5.97
C THR A 253 -5.90 0.85 -6.23
N GLN A 254 -5.62 0.13 -5.15
CA GLN A 254 -4.99 -1.17 -5.29
C GLN A 254 -5.85 -2.13 -6.11
N MET A 255 -7.17 -1.99 -5.98
CA MET A 255 -8.13 -2.88 -6.65
C MET A 255 -8.48 -2.49 -8.09
N GLY A 256 -7.88 -1.41 -8.58
CA GLY A 256 -8.19 -0.94 -9.92
C GLY A 256 -9.54 -0.22 -9.98
N LEU A 257 -9.95 0.35 -8.85
CA LEU A 257 -11.18 1.14 -8.78
C LEU A 257 -10.84 2.59 -8.60
N VAL A 258 -11.53 3.45 -9.34
CA VAL A 258 -11.56 4.87 -9.00
C VAL A 258 -12.45 5.02 -7.79
N ALA A 259 -11.93 5.68 -6.75
CA ALA A 259 -12.76 6.12 -5.64
C ALA A 259 -12.50 7.61 -5.44
N HIS A 260 -13.51 8.41 -5.76
CA HIS A 260 -13.34 9.85 -5.85
C HIS A 260 -14.33 10.53 -4.90
N PRO A 261 -13.83 11.06 -3.77
CA PRO A 261 -14.71 11.72 -2.80
C PRO A 261 -15.06 13.13 -3.27
N VAL A 262 -16.33 13.50 -3.17
CA VAL A 262 -16.74 14.86 -3.53
C VAL A 262 -17.47 15.61 -2.43
N ALA A 263 -17.63 16.91 -2.64
CA ALA A 263 -18.41 17.75 -1.74
C ALA A 263 -19.54 18.43 -2.51
N GLY A 264 -19.57 18.24 -3.82
CA GLY A 264 -20.61 18.83 -4.66
C GLY A 264 -21.90 18.04 -4.66
N TYR A 265 -22.77 18.34 -3.71
CA TYR A 265 -24.11 17.74 -3.63
C TYR A 265 -24.91 18.53 -2.60
N ASP A 266 -26.23 18.34 -2.60
CA ASP A 266 -27.08 18.99 -1.63
C ASP A 266 -27.23 18.02 -0.46
N PRO A 267 -26.56 18.31 0.68
CA PRO A 267 -26.53 17.30 1.76
C PRO A 267 -27.90 16.99 2.33
N VAL A 268 -28.76 17.99 2.45
CA VAL A 268 -30.08 17.73 3.01
C VAL A 268 -30.92 16.85 2.10
N LYS A 269 -30.88 17.09 0.80
CA LYS A 269 -31.59 16.25 -0.16
C LYS A 269 -31.10 14.81 -0.12
N VAL A 270 -29.77 14.63 -0.13
CA VAL A 270 -29.20 13.29 -0.14
C VAL A 270 -29.47 12.54 1.17
N LYS A 271 -29.32 13.22 2.31
CA LYS A 271 -29.64 12.61 3.59
C LYS A 271 -31.10 12.15 3.65
N GLU A 272 -32.00 12.97 3.13
CA GLU A 272 -33.41 12.60 3.06
C GLU A 272 -33.64 11.34 2.21
N ILE A 273 -32.99 11.30 1.05
CA ILE A 273 -33.12 10.18 0.13
C ILE A 273 -32.63 8.88 0.76
N LEU A 274 -31.55 8.98 1.54
CA LEU A 274 -30.91 7.80 2.13
C LEU A 274 -31.27 7.54 3.60
N LYS A 275 -32.22 8.32 4.13
CA LYS A 275 -32.61 8.20 5.53
C LYS A 275 -31.45 8.32 6.54
N ILE A 276 -30.53 9.23 6.24
CA ILE A 276 -29.50 9.59 7.18
C ILE A 276 -30.08 10.64 8.13
N PRO A 277 -29.91 10.43 9.45
CA PRO A 277 -30.52 11.32 10.43
C PRO A 277 -30.14 12.78 10.22
N GLU A 278 -31.07 13.69 10.51
CA GLU A 278 -30.85 15.12 10.25
C GLU A 278 -29.66 15.68 10.99
N ASP A 279 -29.37 15.16 12.17
CA ASP A 279 -28.28 15.70 12.97
C ASP A 279 -26.91 15.10 12.64
N HIS A 280 -26.85 14.29 11.58
CA HIS A 280 -25.57 13.83 11.08
C HIS A 280 -25.00 14.79 10.07
N VAL A 281 -23.68 14.77 9.94
CA VAL A 281 -23.01 15.49 8.88
C VAL A 281 -22.72 14.49 7.75
N LEU A 282 -23.20 14.79 6.55
CA LEU A 282 -22.87 14.00 5.37
C LEU A 282 -21.64 14.64 4.73
N ILE A 283 -20.46 14.11 5.06
CA ILE A 283 -19.22 14.82 4.79
C ILE A 283 -18.66 14.55 3.38
N THR A 284 -18.94 13.38 2.82
CA THR A 284 -18.58 13.16 1.43
C THR A 284 -19.47 12.12 0.73
N LEU A 285 -19.54 12.21 -0.59
CA LEU A 285 -20.11 11.17 -1.43
C LEU A 285 -18.94 10.67 -2.27
N ILE A 286 -18.68 9.37 -2.22
CA ILE A 286 -17.56 8.83 -2.98
C ILE A 286 -18.08 8.12 -4.22
N ALA A 287 -17.64 8.58 -5.40
CA ALA A 287 -18.00 7.91 -6.64
C ALA A 287 -17.00 6.77 -6.81
N VAL A 288 -17.53 5.58 -7.05
CA VAL A 288 -16.68 4.38 -7.22
C VAL A 288 -17.03 3.70 -8.54
N GLY A 289 -16.01 3.33 -9.31
CA GLY A 289 -16.22 2.58 -10.55
C GLY A 289 -14.89 2.28 -11.20
N TYR A 290 -14.88 1.41 -12.21
CA TYR A 290 -13.69 1.16 -12.99
C TYR A 290 -13.42 2.36 -13.90
N LEU A 291 -12.16 2.50 -14.32
CA LEU A 291 -11.75 3.61 -15.16
C LEU A 291 -12.41 3.53 -16.53
N GLY A 292 -13.00 4.65 -16.97
CA GLY A 292 -13.64 4.70 -18.27
C GLY A 292 -12.92 5.57 -19.30
N ASP A 293 -13.70 6.09 -20.24
CA ASP A 293 -13.19 6.84 -21.39
C ASP A 293 -13.16 8.34 -21.12
N GLU A 294 -11.96 8.91 -21.05
CA GLU A 294 -11.82 10.32 -20.72
C GLU A 294 -12.42 11.22 -21.81
N SER A 295 -12.63 10.64 -22.99
CA SER A 295 -13.13 11.42 -24.12
C SER A 295 -14.57 11.84 -23.86
N GLU A 296 -15.22 11.21 -22.88
CA GLU A 296 -16.59 11.52 -22.52
C GLU A 296 -16.69 12.68 -21.52
N LEU A 297 -15.54 13.14 -21.05
CA LEU A 297 -15.52 14.20 -20.04
C LEU A 297 -15.56 15.58 -20.68
N SER A 298 -15.88 16.58 -19.87
CA SER A 298 -15.76 17.97 -20.32
C SER A 298 -14.32 18.22 -20.72
N GLU A 299 -14.09 19.25 -21.54
CA GLU A 299 -12.73 19.55 -21.96
C GLU A 299 -11.80 19.84 -20.78
N LYS A 300 -12.31 20.54 -19.77
CA LYS A 300 -11.49 20.85 -18.60
C LYS A 300 -11.16 19.59 -17.81
N HIS A 301 -12.15 18.73 -17.63
CA HIS A 301 -11.96 17.50 -16.87
C HIS A 301 -11.08 16.51 -17.64
N ARG A 302 -11.18 16.55 -18.96
CA ARG A 302 -10.39 15.69 -19.84
C ARG A 302 -8.93 16.03 -19.68
N GLU A 303 -8.63 17.33 -19.65
CA GLU A 303 -7.26 17.78 -19.46
C GLU A 303 -6.71 17.35 -18.10
N LEU A 304 -7.58 17.39 -17.09
CA LEU A 304 -7.18 16.98 -15.74
C LEU A 304 -6.96 15.47 -15.64
N GLU A 305 -7.74 14.70 -16.38
CA GLU A 305 -7.76 13.26 -16.21
C GLU A 305 -6.37 12.60 -16.27
N ARG A 306 -5.54 13.08 -17.19
CA ARG A 306 -4.16 12.62 -17.29
C ARG A 306 -3.22 13.83 -17.31
N SER A 307 -3.35 14.65 -16.27
CA SER A 307 -2.49 15.79 -16.06
C SER A 307 -1.53 15.43 -14.93
N GLU A 308 -0.49 16.24 -14.75
CA GLU A 308 0.42 16.00 -13.64
C GLU A 308 -0.24 16.48 -12.35
N ARG A 309 0.18 15.86 -11.24
CA ARG A 309 -0.26 16.24 -9.91
C ARG A 309 -0.02 17.73 -9.67
N VAL A 310 -0.99 18.43 -9.07
CA VAL A 310 -0.82 19.84 -8.71
C VAL A 310 -0.84 20.03 -7.18
N ARG A 311 0.31 20.41 -6.62
CA ARG A 311 0.40 20.61 -5.17
C ARG A 311 1.25 21.82 -4.83
N LYS A 312 1.04 22.38 -3.65
CA LYS A 312 1.91 23.40 -3.08
C LYS A 312 3.30 22.81 -2.89
N GLU A 313 4.31 23.67 -2.90
CA GLU A 313 5.65 23.26 -2.53
C GLU A 313 5.66 22.77 -1.09
N LEU A 314 6.51 21.79 -0.82
CA LEU A 314 6.54 21.15 0.49
C LEU A 314 6.75 22.17 1.59
N SER A 315 7.59 23.18 1.33
CA SER A 315 7.91 24.21 2.30
C SER A 315 6.69 25.00 2.79
N GLU A 316 5.61 24.98 2.02
CA GLU A 316 4.40 25.70 2.38
C GLU A 316 3.56 24.94 3.38
N ILE A 317 3.82 23.65 3.55
CA ILE A 317 2.98 22.85 4.45
C ILE A 317 3.73 22.11 5.55
N VAL A 318 5.07 22.11 5.49
CA VAL A 318 5.84 21.51 6.59
C VAL A 318 6.96 22.40 7.10
N ARG A 319 7.14 22.41 8.41
CA ARG A 319 8.27 23.08 9.06
C ARG A 319 9.00 22.08 9.95
N TRP A 320 10.33 22.21 10.00
CA TRP A 320 11.15 21.33 10.84
C TRP A 320 11.53 22.03 12.12
N ASN A 321 11.05 21.49 13.23
CA ASN A 321 11.37 22.04 14.54
C ASN A 321 10.93 23.50 14.61
N LEU A 322 11.81 24.40 15.06
CA LEU A 322 11.45 25.81 15.13
C LEU A 322 11.93 26.61 13.92
N ALA B 2 5.30 -1.24 -17.74
CA ALA B 2 4.77 0.11 -17.92
C ALA B 2 3.29 0.06 -18.26
N ARG B 3 2.67 1.22 -18.40
CA ARG B 3 1.25 1.27 -18.73
C ARG B 3 1.05 1.22 -20.24
N VAL B 4 0.05 0.48 -20.68
CA VAL B 4 -0.28 0.42 -22.10
C VAL B 4 -0.74 1.79 -22.58
N LYS B 5 -0.10 2.28 -23.63
CA LYS B 5 -0.44 3.58 -24.19
C LYS B 5 -1.80 3.56 -24.88
N HIS B 6 -2.31 4.73 -25.22
CA HIS B 6 -3.53 4.79 -26.00
C HIS B 6 -3.30 4.12 -27.34
N PHE B 7 -4.31 3.41 -27.83
CA PHE B 7 -4.23 2.73 -29.11
C PHE B 7 -5.64 2.37 -29.60
N GLU B 8 -5.72 2.03 -30.88
CA GLU B 8 -6.95 1.51 -31.44
C GLU B 8 -6.59 0.47 -32.50
N LEU B 9 -7.24 -0.69 -32.40
CA LEU B 9 -7.03 -1.78 -33.35
C LEU B 9 -8.36 -2.43 -33.68
N LEU B 10 -8.46 -3.04 -34.85
CA LEU B 10 -9.68 -3.74 -35.22
C LEU B 10 -9.63 -5.17 -34.67
N THR B 11 -10.80 -5.69 -34.30
CA THR B 11 -10.89 -7.07 -33.81
C THR B 11 -11.24 -7.98 -34.96
N ASP B 12 -11.39 -9.27 -34.67
CA ASP B 12 -11.82 -10.25 -35.65
C ASP B 12 -13.25 -9.94 -36.15
N GLU B 13 -13.98 -9.15 -35.38
CA GLU B 13 -15.36 -8.80 -35.71
C GLU B 13 -15.46 -7.46 -36.44
N GLY B 14 -14.31 -6.85 -36.70
CA GLY B 14 -14.27 -5.56 -37.37
C GLY B 14 -14.55 -4.40 -36.44
N LYS B 15 -14.67 -4.70 -35.15
CA LYS B 15 -14.91 -3.66 -34.14
C LYS B 15 -13.62 -3.00 -33.69
N THR B 16 -13.78 -1.81 -33.08
CA THR B 16 -12.63 -1.08 -32.59
C THR B 16 -12.39 -1.43 -31.12
N PHE B 17 -11.16 -1.86 -30.83
CA PHE B 17 -10.75 -2.22 -29.48
C PHE B 17 -9.69 -1.18 -29.11
N THR B 18 -9.81 -0.59 -27.92
CA THR B 18 -8.87 0.44 -27.51
C THR B 18 -8.35 0.15 -26.11
N HIS B 19 -7.51 1.05 -25.62
CA HIS B 19 -7.04 1.00 -24.24
C HIS B 19 -8.22 0.97 -23.26
N VAL B 20 -9.31 1.63 -23.61
CA VAL B 20 -10.47 1.66 -22.72
C VAL B 20 -11.03 0.27 -22.48
N ASP B 21 -10.83 -0.63 -23.44
CA ASP B 21 -11.32 -1.99 -23.32
C ASP B 21 -10.43 -2.84 -22.41
N LEU B 22 -9.24 -2.31 -22.10
CA LEU B 22 -8.36 -2.92 -21.09
C LEU B 22 -8.73 -2.49 -19.67
N TYR B 23 -9.19 -1.24 -19.54
CA TYR B 23 -9.57 -0.70 -18.24
C TYR B 23 -10.72 -1.48 -17.63
N GLY B 24 -10.65 -1.71 -16.33
CA GLY B 24 -11.77 -2.32 -15.60
C GLY B 24 -11.81 -3.83 -15.65
N LYS B 25 -10.80 -4.43 -16.28
CA LYS B 25 -10.65 -5.89 -16.32
C LYS B 25 -9.19 -6.24 -16.13
N TYR B 26 -8.91 -7.49 -15.75
CA TYR B 26 -7.57 -8.02 -15.91
C TYR B 26 -7.53 -8.63 -17.30
N THR B 27 -6.41 -8.46 -18.01
CA THR B 27 -6.34 -8.98 -19.38
C THR B 27 -5.15 -9.90 -19.56
N ILE B 28 -5.38 -11.07 -20.13
CA ILE B 28 -4.29 -11.88 -20.65
C ILE B 28 -4.17 -11.53 -22.14
N LEU B 29 -3.04 -10.92 -22.49
CA LEU B 29 -2.80 -10.51 -23.87
C LEU B 29 -1.73 -11.45 -24.42
N PHE B 30 -2.14 -12.32 -25.34
CA PHE B 30 -1.18 -13.27 -25.92
C PHE B 30 -0.86 -12.97 -27.37
N PHE B 31 0.43 -12.68 -27.62
CA PHE B 31 0.94 -12.46 -28.98
C PHE B 31 1.30 -13.80 -29.60
N PHE B 32 0.87 -14.00 -30.83
CA PHE B 32 1.26 -15.18 -31.61
C PHE B 32 1.67 -14.73 -33.02
N PRO B 33 2.60 -15.48 -33.63
CA PRO B 33 3.14 -15.02 -34.92
C PRO B 33 2.12 -14.99 -36.05
N LYS B 34 1.38 -16.09 -36.23
CA LYS B 34 0.51 -16.21 -37.38
C LYS B 34 -0.63 -17.17 -37.13
N ALA B 35 -1.85 -16.72 -37.41
CA ALA B 35 -3.05 -17.53 -37.25
C ALA B 35 -2.95 -18.80 -38.09
N GLY B 36 -3.40 -19.92 -37.55
CA GLY B 36 -3.53 -21.13 -38.35
C GLY B 36 -2.44 -22.16 -38.17
N THR B 37 -1.28 -21.75 -37.67
CA THR B 37 -0.19 -22.70 -37.43
C THR B 37 -0.54 -23.66 -36.28
N SER B 38 0.17 -24.77 -36.19
CA SER B 38 -0.15 -25.77 -35.16
C SER B 38 -0.06 -25.24 -33.74
N GLY B 39 1.09 -24.63 -33.41
CA GLY B 39 1.34 -24.11 -32.09
C GLY B 39 0.39 -23.00 -31.68
N SER B 40 0.12 -22.08 -32.60
CA SER B 40 -0.75 -20.93 -32.32
C SER B 40 -2.20 -21.34 -32.22
N THR B 41 -2.58 -22.37 -33.00
CA THR B 41 -3.91 -22.93 -32.91
C THR B 41 -4.10 -23.55 -31.54
N ARG B 42 -3.13 -24.36 -31.13
CA ARG B 42 -3.17 -24.98 -29.80
C ARG B 42 -3.28 -23.93 -28.70
N GLU B 43 -2.45 -22.90 -28.80
CA GLU B 43 -2.43 -21.87 -27.76
C GLU B 43 -3.80 -21.19 -27.66
N ALA B 44 -4.36 -20.79 -28.80
CA ALA B 44 -5.64 -20.09 -28.83
C ALA B 44 -6.75 -20.98 -28.31
N VAL B 45 -6.75 -22.23 -28.76
CA VAL B 45 -7.76 -23.19 -28.30
C VAL B 45 -7.66 -23.42 -26.80
N GLU B 46 -6.44 -23.58 -26.29
CA GLU B 46 -6.25 -23.84 -24.86
C GLU B 46 -6.66 -22.64 -23.98
N PHE B 47 -6.38 -21.43 -24.44
CA PHE B 47 -6.86 -20.24 -23.73
C PHE B 47 -8.38 -20.17 -23.79
N SER B 48 -8.92 -20.53 -24.94
CA SER B 48 -10.35 -20.36 -25.17
C SER B 48 -11.18 -21.27 -24.27
N ARG B 49 -10.64 -22.44 -23.94
CA ARG B 49 -11.42 -23.44 -23.21
C ARG B 49 -11.35 -23.28 -21.69
N GLU B 50 -10.51 -22.37 -21.20
CA GLU B 50 -10.45 -22.12 -19.75
C GLU B 50 -11.50 -21.08 -19.36
N ASN B 51 -11.75 -20.97 -18.06
CA ASN B 51 -12.64 -19.93 -17.54
C ASN B 51 -11.90 -19.09 -16.52
N PHE B 52 -11.49 -17.90 -16.94
CA PHE B 52 -10.63 -17.06 -16.10
C PHE B 52 -11.45 -16.11 -15.26
N GLU B 53 -11.30 -16.25 -13.94
CA GLU B 53 -12.02 -15.39 -13.00
C GLU B 53 -11.55 -13.95 -13.13
N LYS B 54 -12.51 -13.07 -13.41
CA LYS B 54 -12.32 -11.62 -13.44
C LYS B 54 -11.31 -11.15 -14.50
N ALA B 55 -11.14 -11.94 -15.54
CA ALA B 55 -10.22 -11.57 -16.60
C ALA B 55 -10.80 -11.88 -17.98
N GLN B 56 -10.30 -11.18 -18.99
CA GLN B 56 -10.60 -11.46 -20.38
C GLN B 56 -9.33 -11.93 -21.08
N VAL B 57 -9.50 -12.74 -22.13
CA VAL B 57 -8.37 -13.20 -22.93
C VAL B 57 -8.40 -12.55 -24.31
N VAL B 58 -7.28 -11.95 -24.69
CA VAL B 58 -7.19 -11.25 -25.97
C VAL B 58 -5.95 -11.74 -26.71
N GLY B 59 -6.17 -12.33 -27.89
CA GLY B 59 -5.07 -12.72 -28.75
C GLY B 59 -4.74 -11.61 -29.72
N ILE B 60 -3.48 -11.54 -30.15
CA ILE B 60 -3.06 -10.47 -31.04
C ILE B 60 -1.94 -10.94 -31.95
N SER B 61 -2.05 -10.62 -33.24
CA SER B 61 -1.03 -10.96 -34.22
C SER B 61 -1.03 -9.90 -35.31
N ARG B 62 -0.14 -10.07 -36.29
CA ARG B 62 -0.08 -9.14 -37.41
C ARG B 62 -1.02 -9.53 -38.55
N ASP B 63 -1.89 -10.52 -38.30
CA ASP B 63 -2.85 -10.99 -39.28
C ASP B 63 -3.92 -9.95 -39.61
N SER B 64 -4.60 -10.17 -40.73
CA SER B 64 -5.72 -9.32 -41.12
C SER B 64 -6.99 -9.71 -40.36
N VAL B 65 -7.97 -8.80 -40.36
CA VAL B 65 -9.24 -9.06 -39.72
C VAL B 65 -9.87 -10.33 -40.27
N GLU B 66 -9.89 -10.47 -41.59
CA GLU B 66 -10.51 -11.63 -42.21
C GLU B 66 -9.81 -12.94 -41.82
N ALA B 67 -8.49 -12.92 -41.78
CA ALA B 67 -7.73 -14.09 -41.37
C ALA B 67 -8.07 -14.49 -39.93
N LEU B 68 -8.20 -13.49 -39.06
CA LEU B 68 -8.52 -13.74 -37.67
C LEU B 68 -9.94 -14.27 -37.51
N LYS B 69 -10.86 -13.70 -38.29
CA LYS B 69 -12.24 -14.18 -38.29
C LYS B 69 -12.30 -15.66 -38.68
N ARG B 70 -11.59 -16.00 -39.75
CA ARG B 70 -11.52 -17.40 -40.20
C ARG B 70 -10.93 -18.30 -39.12
N PHE B 71 -9.85 -17.83 -38.51
CA PHE B 71 -9.13 -18.54 -37.44
C PHE B 71 -10.09 -18.86 -36.29
N LYS B 72 -10.86 -17.86 -35.86
CA LYS B 72 -11.85 -18.06 -34.82
C LYS B 72 -12.95 -19.03 -35.26
N GLU B 73 -13.52 -18.80 -36.43
CA GLU B 73 -14.63 -19.63 -36.90
C GLU B 73 -14.23 -21.10 -37.00
N LYS B 74 -13.07 -21.37 -37.59
CA LYS B 74 -12.63 -22.74 -37.82
C LYS B 74 -12.33 -23.50 -36.54
N ASN B 75 -11.96 -22.77 -35.48
CA ASN B 75 -11.59 -23.40 -34.22
C ASN B 75 -12.59 -23.14 -33.09
N ASP B 76 -13.70 -22.49 -33.43
CA ASP B 76 -14.69 -22.07 -32.44
C ASP B 76 -14.02 -21.40 -31.24
N LEU B 77 -13.19 -20.40 -31.52
CA LEU B 77 -12.50 -19.67 -30.49
C LEU B 77 -13.45 -18.73 -29.78
N LYS B 78 -13.29 -18.59 -28.46
CA LYS B 78 -14.14 -17.71 -27.68
C LYS B 78 -13.30 -16.67 -26.97
N VAL B 79 -12.41 -16.05 -27.73
CA VAL B 79 -11.58 -14.95 -27.23
C VAL B 79 -11.66 -13.82 -28.23
N THR B 80 -11.24 -12.63 -27.80
CA THR B 80 -11.10 -11.51 -28.71
C THR B 80 -9.77 -11.64 -29.43
N LEU B 81 -9.76 -11.38 -30.73
CA LEU B 81 -8.51 -11.36 -31.49
C LEU B 81 -8.28 -9.97 -32.07
N LEU B 82 -7.07 -9.46 -31.93
CA LEU B 82 -6.74 -8.14 -32.45
C LEU B 82 -5.85 -8.22 -33.67
N SER B 83 -6.23 -7.51 -34.72
CA SER B 83 -5.43 -7.39 -35.93
C SER B 83 -4.47 -6.21 -35.79
N ASP B 84 -3.17 -6.49 -35.84
CA ASP B 84 -2.15 -5.46 -35.66
C ASP B 84 -1.12 -5.53 -36.81
N PRO B 85 -1.59 -5.31 -38.04
CA PRO B 85 -0.74 -5.43 -39.23
C PRO B 85 0.45 -4.48 -39.21
N GLU B 86 0.30 -3.33 -38.55
CA GLU B 86 1.34 -2.33 -38.51
C GLU B 86 2.31 -2.52 -37.34
N GLY B 87 1.99 -3.48 -36.47
CA GLY B 87 2.87 -3.81 -35.37
C GLY B 87 2.98 -2.72 -34.32
N ILE B 88 1.91 -1.94 -34.16
CA ILE B 88 1.87 -0.87 -33.17
C ILE B 88 2.06 -1.42 -31.75
N LEU B 89 1.27 -2.42 -31.38
CA LEU B 89 1.44 -3.04 -30.08
C LEU B 89 2.62 -4.02 -30.06
N HIS B 90 2.94 -4.62 -31.22
CA HIS B 90 4.10 -5.51 -31.30
C HIS B 90 5.37 -4.75 -30.93
N GLU B 91 5.50 -3.53 -31.44
CA GLU B 91 6.64 -2.69 -31.11
C GLU B 91 6.60 -2.19 -29.67
N PHE B 92 5.42 -1.76 -29.22
CA PHE B 92 5.27 -1.27 -27.86
C PHE B 92 5.63 -2.32 -26.82
N PHE B 93 5.20 -3.56 -27.05
CA PHE B 93 5.52 -4.65 -26.13
C PHE B 93 6.87 -5.28 -26.44
N ASN B 94 7.52 -4.80 -27.51
CA ASN B 94 8.86 -5.26 -27.89
C ASN B 94 8.96 -6.77 -28.16
N VAL B 95 8.02 -7.29 -28.95
CA VAL B 95 7.98 -8.73 -29.22
C VAL B 95 8.59 -9.09 -30.58
N LEU B 96 9.17 -8.12 -31.27
CA LEU B 96 9.79 -8.39 -32.56
C LEU B 96 11.31 -8.56 -32.44
N GLU B 97 11.82 -9.63 -33.04
CA GLU B 97 13.25 -9.91 -33.08
C GLU B 97 13.61 -10.45 -34.46
N ASN B 98 14.64 -9.88 -35.08
CA ASN B 98 14.99 -10.23 -36.46
C ASN B 98 13.78 -10.11 -37.38
N GLY B 99 12.90 -9.16 -37.08
CA GLY B 99 11.74 -8.89 -37.92
C GLY B 99 10.58 -9.83 -37.71
N LYS B 100 10.72 -10.78 -36.78
CA LYS B 100 9.68 -11.77 -36.58
C LYS B 100 9.08 -11.68 -35.18
N THR B 101 7.81 -12.06 -35.05
CA THR B 101 7.15 -12.06 -33.76
C THR B 101 7.68 -13.20 -32.89
N VAL B 102 8.10 -12.86 -31.67
CA VAL B 102 8.45 -13.85 -30.68
C VAL B 102 7.22 -14.06 -29.81
N ARG B 103 6.74 -15.29 -29.76
CA ARG B 103 5.56 -15.62 -28.96
C ARG B 103 5.75 -15.10 -27.54
N SER B 104 4.82 -14.26 -27.10
CA SER B 104 4.92 -13.59 -25.79
C SER B 104 3.53 -13.31 -25.23
N THR B 105 3.44 -13.29 -23.90
CA THR B 105 2.15 -13.12 -23.23
C THR B 105 2.31 -12.14 -22.07
N PHE B 106 1.28 -11.33 -21.82
CA PHE B 106 1.36 -10.30 -20.78
C PHE B 106 0.10 -10.32 -19.93
N LEU B 107 0.26 -10.09 -18.63
CA LEU B 107 -0.89 -9.85 -17.75
C LEU B 107 -1.03 -8.35 -17.55
N ILE B 108 -2.23 -7.82 -17.78
CA ILE B 108 -2.48 -6.38 -17.67
C ILE B 108 -3.57 -6.16 -16.63
N ASP B 109 -3.36 -5.22 -15.71
CA ASP B 109 -4.33 -4.98 -14.64
C ASP B 109 -5.43 -4.00 -15.04
N ARG B 110 -6.27 -3.66 -14.09
CA ARG B 110 -7.47 -2.88 -14.39
C ARG B 110 -7.20 -1.44 -14.74
N TRP B 111 -5.97 -0.99 -14.49
CA TRP B 111 -5.56 0.36 -14.86
C TRP B 111 -4.83 0.37 -16.20
N GLY B 112 -4.57 -0.82 -16.73
CA GLY B 112 -3.76 -0.92 -17.92
C GLY B 112 -2.26 -1.08 -17.72
N PHE B 113 -1.82 -1.36 -16.49
CA PHE B 113 -0.40 -1.61 -16.25
C PHE B 113 -0.03 -3.07 -16.51
N VAL B 114 1.12 -3.28 -17.14
CA VAL B 114 1.63 -4.64 -17.34
C VAL B 114 2.22 -5.14 -16.04
N ARG B 115 1.73 -6.28 -15.55
CA ARG B 115 2.09 -6.78 -14.23
C ARG B 115 2.99 -8.02 -14.28
N LYS B 116 2.92 -8.75 -15.39
CA LYS B 116 3.72 -9.96 -15.56
C LYS B 116 3.93 -10.18 -17.05
N GLU B 117 5.07 -10.77 -17.42
CA GLU B 117 5.32 -11.10 -18.82
C GLU B 117 5.97 -12.47 -18.96
N TRP B 118 5.75 -13.07 -20.12
CA TRP B 118 6.43 -14.29 -20.54
C TRP B 118 6.94 -14.03 -21.94
N ARG B 119 8.24 -14.22 -22.16
CA ARG B 119 8.79 -14.07 -23.49
C ARG B 119 9.41 -15.37 -24.01
N ARG B 120 9.48 -15.50 -25.33
CA ARG B 120 9.91 -16.77 -25.92
C ARG B 120 9.09 -17.92 -25.37
N VAL B 121 7.77 -17.77 -25.47
CA VAL B 121 6.85 -18.71 -24.84
C VAL B 121 6.92 -20.11 -25.43
N LYS B 122 6.91 -21.11 -24.56
CA LYS B 122 6.72 -22.50 -24.96
C LYS B 122 5.25 -22.82 -24.75
N VAL B 123 4.56 -23.21 -25.82
CA VAL B 123 3.12 -23.46 -25.74
C VAL B 123 2.71 -24.56 -24.74
N GLU B 124 3.47 -25.65 -24.68
CA GLU B 124 3.13 -26.72 -23.74
C GLU B 124 3.18 -26.20 -22.31
N GLY B 125 2.04 -26.26 -21.63
CA GLY B 125 1.94 -25.88 -20.23
C GLY B 125 1.75 -24.40 -20.00
N HIS B 126 1.75 -23.63 -21.07
CA HIS B 126 1.72 -22.15 -20.96
C HIS B 126 0.43 -21.62 -20.34
N VAL B 127 -0.71 -22.07 -20.86
CA VAL B 127 -1.99 -21.58 -20.38
C VAL B 127 -2.15 -21.82 -18.88
N GLN B 128 -1.72 -22.99 -18.41
CA GLN B 128 -1.83 -23.28 -16.99
C GLN B 128 -0.91 -22.38 -16.16
N GLU B 129 0.28 -22.09 -16.66
CA GLU B 129 1.18 -21.22 -15.93
C GLU B 129 0.60 -19.81 -15.85
N VAL B 130 0.05 -19.35 -16.97
CA VAL B 130 -0.57 -18.02 -17.01
C VAL B 130 -1.79 -17.95 -16.09
N LYS B 131 -2.61 -18.99 -16.11
CA LYS B 131 -3.76 -19.08 -15.23
C LYS B 131 -3.33 -18.95 -13.76
N GLU B 132 -2.27 -19.65 -13.38
CA GLU B 132 -1.81 -19.67 -11.99
C GLU B 132 -1.26 -18.32 -11.58
N ALA B 133 -0.51 -17.69 -12.47
CA ALA B 133 0.00 -16.35 -12.22
C ALA B 133 -1.14 -15.33 -12.10
N LEU B 134 -2.16 -15.47 -12.94
CA LEU B 134 -3.33 -14.57 -12.86
C LEU B 134 -4.04 -14.72 -11.53
N ASP B 135 -4.27 -15.96 -11.10
CA ASP B 135 -4.93 -16.17 -9.81
C ASP B 135 -4.15 -15.51 -8.69
N ARG B 136 -2.81 -15.60 -8.74
CA ARG B 136 -1.99 -14.99 -7.70
C ARG B 136 -2.10 -13.47 -7.73
N LEU B 137 -2.10 -12.91 -8.93
CA LEU B 137 -2.20 -11.45 -9.10
C LEU B 137 -3.53 -10.94 -8.57
N ILE B 138 -4.61 -11.64 -8.89
CA ILE B 138 -5.93 -11.22 -8.44
C ILE B 138 -6.06 -11.36 -6.93
N GLU B 139 -5.43 -12.39 -6.37
CA GLU B 139 -5.42 -12.58 -4.93
C GLU B 139 -4.69 -11.43 -4.25
N GLU B 140 -3.57 -11.01 -4.83
CA GLU B 140 -2.78 -9.91 -4.30
C GLU B 140 -3.58 -8.60 -4.33
N ASP B 141 -4.12 -8.26 -5.50
CA ASP B 141 -4.79 -6.97 -5.64
C ASP B 141 -6.15 -6.89 -4.95
N LEU B 142 -6.93 -7.99 -5.02
CA LEU B 142 -8.31 -7.96 -4.57
C LEU B 142 -8.48 -8.52 -3.17
N SER B 143 -7.45 -8.32 -2.36
CA SER B 143 -7.52 -8.65 -0.94
C SER B 143 -7.14 -7.39 -0.17
N LEU B 144 -7.32 -7.43 1.15
CA LEU B 144 -7.03 -6.26 1.97
C LEU B 144 -5.57 -5.81 1.81
N ASN B 145 -5.37 -4.51 1.61
CA ASN B 145 -4.02 -3.94 1.49
C ASN B 145 -3.16 -4.34 2.69
N LYS B 146 -1.98 -4.88 2.41
N LYS B 146 -1.97 -4.86 2.42
CA LYS B 146 -1.09 -5.39 3.45
CA LYS B 146 -1.13 -5.40 3.49
C LYS B 146 -0.74 -4.36 4.51
C LYS B 146 -0.66 -4.37 4.50
N HIS B 147 -0.50 -3.12 4.08
CA HIS B 147 -0.09 -2.06 5.00
C HIS B 147 -1.26 -1.57 5.86
N ILE B 148 -2.43 -1.43 5.25
CA ILE B 148 -3.63 -1.16 6.01
C ILE B 148 -3.86 -2.25 7.08
N GLU B 149 -3.68 -3.51 6.67
CA GLU B 149 -3.92 -4.61 7.59
C GLU B 149 -2.91 -4.65 8.74
N TRP B 150 -1.64 -4.33 8.43
CA TRP B 150 -0.59 -4.43 9.42
C TRP B 150 -0.54 -3.24 10.39
N ARG B 151 -1.00 -2.08 9.94
CA ARG B 151 -0.94 -0.89 10.78
C ARG B 151 -1.76 -1.08 12.07
N ARG B 152 -1.09 -0.86 13.20
CA ARG B 152 -1.73 -0.92 14.51
C ARG B 152 -1.24 0.29 15.31
N ALA B 153 -1.99 0.64 16.34
CA ALA B 153 -1.58 1.71 17.25
C ALA B 153 -0.52 1.16 18.21
N ARG B 154 0.66 0.90 17.67
CA ARG B 154 1.73 0.30 18.48
C ARG B 154 2.36 1.37 19.35
N ARG B 155 2.76 0.97 20.56
CA ARG B 155 3.24 1.91 21.57
C ARG B 155 4.68 1.63 21.99
N ALA B 156 5.21 0.48 21.59
CA ALA B 156 6.60 0.16 21.90
C ALA B 156 7.50 0.75 20.83
N LEU B 157 8.27 1.77 21.19
CA LEU B 157 9.12 2.47 20.22
C LEU B 157 10.59 2.47 20.60
N LYS B 158 11.45 2.27 19.60
CA LYS B 158 12.88 2.46 19.78
C LYS B 158 13.27 3.93 19.83
N LYS B 159 14.35 4.22 20.55
CA LYS B 159 14.85 5.60 20.61
C LYS B 159 15.68 5.98 19.40
N ASP B 160 16.07 4.98 18.59
CA ASP B 160 16.96 5.21 17.46
C ASP B 160 16.40 6.29 16.54
N ARG B 161 17.23 7.25 16.15
CA ARG B 161 16.80 8.34 15.29
C ARG B 161 16.30 7.87 13.92
N VAL B 162 15.20 8.46 13.48
CA VAL B 162 14.70 8.20 12.13
C VAL B 162 15.29 9.24 11.18
N PRO B 163 15.96 8.78 10.12
CA PRO B 163 16.59 9.71 9.18
C PRO B 163 15.58 10.73 8.65
N ARG B 164 16.01 11.98 8.47
CA ARG B 164 15.09 13.01 7.99
C ARG B 164 14.50 12.69 6.62
N GLU B 165 15.26 12.02 5.77
CA GLU B 165 14.73 11.67 4.45
C GLU B 165 13.51 10.75 4.58
N GLU B 166 13.51 9.89 5.59
CA GLU B 166 12.38 9.00 5.84
C GLU B 166 11.17 9.77 6.40
N LEU B 167 11.43 10.65 7.38
CA LEU B 167 10.40 11.50 7.94
C LEU B 167 9.76 12.36 6.85
N GLU B 168 10.58 12.88 5.97
CA GLU B 168 10.08 13.73 4.89
C GLU B 168 9.17 12.95 3.93
N LEU B 169 9.50 11.68 3.69
CA LEU B 169 8.68 10.88 2.80
C LEU B 169 7.27 10.68 3.39
N LEU B 170 7.19 10.60 4.70
CA LEU B 170 5.89 10.51 5.37
C LEU B 170 5.04 11.73 5.03
N ILE B 171 5.65 12.91 5.08
CA ILE B 171 4.97 14.15 4.74
C ILE B 171 4.60 14.22 3.25
N LYS B 172 5.52 13.81 2.39
CA LYS B 172 5.24 13.80 0.95
C LYS B 172 4.03 12.93 0.64
N ALA B 173 3.97 11.75 1.25
CA ALA B 173 2.81 10.88 1.03
C ALA B 173 1.51 11.51 1.52
N ALA B 174 1.56 12.13 2.69
CA ALA B 174 0.40 12.80 3.25
C ALA B 174 -0.12 13.87 2.30
N HIS B 175 0.80 14.58 1.68
CA HIS B 175 0.53 15.75 0.83
C HIS B 175 -0.16 15.33 -0.47
N LEU B 176 -0.07 14.04 -0.82
CA LEU B 176 -0.74 13.53 -2.02
C LEU B 176 -2.21 13.14 -1.78
N ALA B 177 -2.73 13.36 -0.59
CA ALA B 177 -4.15 13.17 -0.36
C ALA B 177 -4.93 14.17 -1.22
N PRO B 178 -6.18 13.84 -1.56
CA PRO B 178 -7.06 14.82 -2.22
C PRO B 178 -7.63 15.77 -1.18
N SER B 179 -8.22 16.88 -1.64
CA SER B 179 -8.87 17.81 -0.72
C SER B 179 -9.90 18.61 -1.49
N CYS B 180 -10.88 19.14 -0.77
CA CYS B 180 -11.89 19.98 -1.37
C CYS B 180 -11.22 21.14 -2.09
N MET B 181 -11.57 21.30 -3.38
CA MET B 181 -11.01 22.37 -4.23
CA MET B 181 -11.01 22.36 -4.23
C MET B 181 -9.49 22.35 -4.27
N ASN B 182 -8.89 21.21 -3.96
CA ASN B 182 -7.45 21.08 -3.85
C ASN B 182 -6.86 22.12 -2.89
N ASN B 183 -7.58 22.39 -1.82
CA ASN B 183 -7.15 23.38 -0.83
C ASN B 183 -5.90 23.00 -0.05
N GLN B 184 -5.65 21.70 0.08
CA GLN B 184 -4.48 21.23 0.84
C GLN B 184 -4.33 21.95 2.19
N PRO B 185 -5.30 21.77 3.11
CA PRO B 185 -5.36 22.52 4.37
C PRO B 185 -4.42 21.99 5.46
N TRP B 186 -3.79 20.84 5.23
CA TRP B 186 -2.94 20.24 6.25
C TRP B 186 -1.64 21.02 6.46
N ARG B 187 -1.21 21.13 7.71
CA ARG B 187 0.11 21.65 8.06
C ARG B 187 0.80 20.75 9.09
N PHE B 188 2.12 20.66 8.98
CA PHE B 188 2.91 19.78 9.84
C PHE B 188 4.12 20.48 10.44
N VAL B 189 4.38 20.21 11.71
CA VAL B 189 5.68 20.51 12.28
C VAL B 189 6.36 19.20 12.67
N VAL B 190 7.44 18.87 11.98
CA VAL B 190 8.21 17.68 12.33
C VAL B 190 9.25 18.02 13.38
N VAL B 191 9.17 17.35 14.52
CA VAL B 191 10.05 17.63 15.65
C VAL B 191 10.98 16.46 15.90
N ASP B 192 12.28 16.68 15.71
CA ASP B 192 13.28 15.65 16.01
C ASP B 192 14.47 16.20 16.81
N GLU B 193 14.30 17.38 17.40
CA GLU B 193 15.31 17.94 18.30
C GLU B 193 15.02 17.56 19.74
N GLU B 194 15.99 16.93 20.39
CA GLU B 194 15.83 16.44 21.76
C GLU B 194 15.24 17.48 22.71
N GLU B 195 15.80 18.68 22.72
CA GLU B 195 15.33 19.71 23.65
C GLU B 195 13.86 20.07 23.40
N LEU B 196 13.48 20.12 22.14
CA LEU B 196 12.10 20.40 21.77
C LEU B 196 11.22 19.23 22.22
N LEU B 197 11.66 18.02 21.92
CA LEU B 197 10.91 16.84 22.32
C LEU B 197 10.68 16.80 23.82
N LYS B 198 11.73 17.07 24.60
CA LYS B 198 11.60 17.04 26.05
C LYS B 198 10.58 18.07 26.58
N LYS B 199 10.49 19.23 25.93
CA LYS B 199 9.47 20.20 26.32
C LYS B 199 8.07 19.68 26.03
N ILE B 200 7.90 19.05 24.87
CA ILE B 200 6.61 18.48 24.52
C ILE B 200 6.20 17.37 25.50
N HIS B 201 7.18 16.59 25.95
CA HIS B 201 6.91 15.51 26.90
C HIS B 201 6.20 16.03 28.14
N GLU B 202 6.52 17.27 28.53
CA GLU B 202 5.92 17.83 29.73
C GLU B 202 4.44 18.16 29.53
N ALA B 203 4.01 18.19 28.27
CA ALA B 203 2.62 18.50 27.93
C ALA B 203 1.80 17.23 27.69
N LEU B 204 2.36 16.08 28.04
CA LEU B 204 1.71 14.79 27.80
C LEU B 204 1.09 14.24 29.08
N PRO B 205 -0.06 13.58 28.98
CA PRO B 205 -0.65 12.95 30.16
C PRO B 205 0.09 11.66 30.51
N GLY B 206 -0.09 11.20 31.75
CA GLY B 206 0.57 10.00 32.23
C GLY B 206 0.42 8.79 31.33
N GLY B 207 -0.77 8.63 30.75
CA GLY B 207 -1.05 7.46 29.93
C GLY B 207 -0.27 7.44 28.63
N ASN B 208 0.36 8.56 28.29
CA ASN B 208 1.15 8.63 27.06
C ASN B 208 2.66 8.63 27.30
N TYR B 209 3.07 8.05 28.43
CA TYR B 209 4.47 7.86 28.78
C TYR B 209 5.25 7.23 27.63
N TRP B 210 4.59 6.36 26.88
CA TRP B 210 5.26 5.58 25.82
C TRP B 210 5.76 6.47 24.69
N MET B 211 5.18 7.66 24.56
CA MET B 211 5.57 8.60 23.50
C MET B 211 6.97 9.15 23.77
N LYS B 212 7.43 9.03 25.00
CA LYS B 212 8.71 9.64 25.36
C LYS B 212 9.90 8.97 24.67
N ASN B 213 9.72 7.73 24.22
CA ASN B 213 10.75 7.01 23.47
C ASN B 213 10.87 7.52 22.03
N ALA B 214 9.81 8.12 21.51
CA ALA B 214 9.78 8.45 20.09
C ALA B 214 10.85 9.46 19.74
N PRO B 215 11.67 9.16 18.72
CA PRO B 215 12.72 10.09 18.29
C PRO B 215 12.15 11.21 17.44
N ALA B 216 10.87 11.10 17.09
CA ALA B 216 10.23 12.13 16.29
C ALA B 216 8.75 12.25 16.63
N LEU B 217 8.25 13.48 16.66
CA LEU B 217 6.82 13.73 16.77
C LEU B 217 6.42 14.64 15.64
N ILE B 218 5.28 14.36 15.01
CA ILE B 218 4.74 15.24 13.99
C ILE B 218 3.45 15.89 14.48
N ALA B 219 3.49 17.21 14.64
CA ALA B 219 2.33 17.97 15.07
C ALA B 219 1.51 18.32 13.84
N VAL B 220 0.24 17.94 13.85
CA VAL B 220 -0.61 18.17 12.69
C VAL B 220 -1.67 19.22 13.01
N HIS B 221 -1.64 20.32 12.28
CA HIS B 221 -2.56 21.42 12.58
C HIS B 221 -3.20 21.98 11.31
N SER B 222 -4.31 22.68 11.48
CA SER B 222 -5.01 23.33 10.37
C SER B 222 -5.92 24.42 10.91
N LYS B 223 -6.57 25.15 10.01
CA LYS B 223 -7.50 26.20 10.39
C LYS B 223 -8.71 26.13 9.47
N LYS B 224 -9.90 26.37 10.02
CA LYS B 224 -11.14 26.21 9.26
C LYS B 224 -11.12 26.91 7.90
N ASP B 225 -10.63 28.14 7.84
CA ASP B 225 -10.70 28.88 6.59
C ASP B 225 -9.63 28.45 5.58
N PHE B 226 -8.87 27.40 5.91
CA PHE B 226 -7.92 26.81 4.97
C PHE B 226 -8.64 25.89 3.98
N ASP B 227 -9.91 25.60 4.24
CA ASP B 227 -10.63 24.63 3.42
C ASP B 227 -12.09 25.03 3.25
N CYS B 228 -12.79 24.26 2.41
CA CYS B 228 -14.22 24.47 2.16
C CYS B 228 -15.00 24.44 3.47
N ALA B 229 -15.97 25.35 3.58
CA ALA B 229 -16.92 25.32 4.69
C ALA B 229 -18.31 25.48 4.08
N LEU B 230 -19.04 24.37 4.00
CA LEU B 230 -20.24 24.31 3.18
C LEU B 230 -21.48 24.04 4.02
N PRO B 231 -22.68 24.21 3.42
CA PRO B 231 -23.94 24.08 4.16
C PRO B 231 -24.12 22.75 4.90
N ASP B 232 -24.89 22.81 5.98
CA ASP B 232 -25.21 21.65 6.81
C ASP B 232 -23.99 21.15 7.55
N ASN B 233 -23.18 22.09 8.04
CA ASN B 233 -22.09 21.81 8.95
C ASN B 233 -20.96 21.01 8.31
N ARG B 234 -20.78 21.19 7.01
CA ARG B 234 -19.72 20.48 6.29
C ARG B 234 -18.44 21.32 6.22
N ASP B 235 -17.70 21.30 7.31
CA ASP B 235 -16.39 21.93 7.36
C ASP B 235 -15.39 20.86 6.95
N TYR B 236 -14.53 21.18 5.98
CA TYR B 236 -13.66 20.17 5.39
C TYR B 236 -12.24 20.12 5.96
N PHE B 237 -11.82 21.16 6.66
CA PHE B 237 -10.40 21.22 7.04
C PHE B 237 -9.89 20.00 7.81
N LEU B 238 -10.67 19.52 8.78
CA LEU B 238 -10.16 18.40 9.58
C LEU B 238 -10.37 17.06 8.89
N PHE B 239 -11.46 16.91 8.15
CA PHE B 239 -11.71 15.72 7.34
C PHE B 239 -10.58 15.55 6.32
N ASP B 240 -10.29 16.62 5.57
CA ASP B 240 -9.24 16.56 4.55
C ASP B 240 -7.87 16.30 5.20
N THR B 241 -7.63 16.91 6.36
CA THR B 241 -6.38 16.66 7.07
C THR B 241 -6.30 15.18 7.50
N GLY B 242 -7.45 14.62 7.85
CA GLY B 242 -7.57 13.18 8.09
C GLY B 242 -7.19 12.33 6.88
N LEU B 243 -7.64 12.72 5.69
CA LEU B 243 -7.22 12.03 4.47
C LEU B 243 -5.70 12.00 4.39
N ALA B 244 -5.07 13.14 4.69
CA ALA B 244 -3.63 13.26 4.59
C ALA B 244 -2.94 12.35 5.61
N VAL B 245 -3.39 12.39 6.85
CA VAL B 245 -2.81 11.55 7.90
C VAL B 245 -3.01 10.07 7.58
N GLY B 246 -4.16 9.73 6.99
CA GLY B 246 -4.38 8.34 6.53
C GLY B 246 -3.24 7.87 5.62
N ASN B 247 -2.90 8.69 4.63
CA ASN B 247 -1.80 8.38 3.73
C ASN B 247 -0.49 8.24 4.51
N LEU B 248 -0.27 9.17 5.43
CA LEU B 248 0.94 9.17 6.23
C LEU B 248 1.12 7.83 6.95
N LEU B 249 0.05 7.30 7.54
CA LEU B 249 0.17 6.06 8.32
C LEU B 249 0.47 4.85 7.43
N VAL B 250 -0.12 4.85 6.23
CA VAL B 250 0.15 3.77 5.28
C VAL B 250 1.61 3.81 4.84
N GLN B 251 2.09 5.01 4.53
CA GLN B 251 3.48 5.16 4.11
C GLN B 251 4.43 4.71 5.23
N ALA B 252 4.15 5.13 6.45
CA ALA B 252 5.00 4.76 7.58
C ALA B 252 5.05 3.24 7.75
N THR B 253 3.88 2.62 7.71
CA THR B 253 3.78 1.17 7.93
C THR B 253 4.60 0.43 6.87
N GLN B 254 4.49 0.87 5.62
CA GLN B 254 5.29 0.27 4.55
C GLN B 254 6.80 0.33 4.82
N MET B 255 7.23 1.41 5.47
CA MET B 255 8.63 1.71 5.70
C MET B 255 9.17 1.10 6.99
N GLY B 256 8.36 0.35 7.71
CA GLY B 256 8.80 -0.27 8.94
C GLY B 256 8.80 0.72 10.10
N LEU B 257 8.03 1.79 9.94
CA LEU B 257 7.89 2.77 11.01
C LEU B 257 6.53 2.65 11.68
N VAL B 258 6.54 2.74 13.00
CA VAL B 258 5.32 3.03 13.75
C VAL B 258 4.99 4.51 13.57
N ALA B 259 3.77 4.81 13.11
CA ALA B 259 3.26 6.18 13.14
C ALA B 259 1.94 6.11 13.87
N HIS B 260 1.91 6.71 15.06
CA HIS B 260 0.78 6.54 15.96
C HIS B 260 0.23 7.91 16.30
N PRO B 261 -0.95 8.25 15.75
CA PRO B 261 -1.54 9.56 16.02
C PRO B 261 -2.26 9.57 17.38
N VAL B 262 -2.06 10.61 18.17
CA VAL B 262 -2.69 10.71 19.48
C VAL B 262 -3.47 12.00 19.68
N ALA B 263 -4.33 12.00 20.68
CA ALA B 263 -5.08 13.18 21.08
C ALA B 263 -4.74 13.57 22.52
N GLY B 264 -3.93 12.74 23.18
CA GLY B 264 -3.56 12.96 24.56
C GLY B 264 -2.39 13.93 24.73
N TYR B 265 -2.71 15.22 24.84
CA TYR B 265 -1.70 16.25 25.06
C TYR B 265 -2.39 17.55 25.40
N ASP B 266 -1.65 18.51 25.94
CA ASP B 266 -2.16 19.86 26.17
C ASP B 266 -1.95 20.69 24.90
N PRO B 267 -3.02 20.94 24.14
CA PRO B 267 -2.86 21.61 22.84
C PRO B 267 -2.29 23.01 22.96
N VAL B 268 -2.74 23.75 23.96
CA VAL B 268 -2.27 25.13 24.12
C VAL B 268 -0.76 25.16 24.34
N LYS B 269 -0.27 24.32 25.23
CA LYS B 269 1.16 24.24 25.52
C LYS B 269 1.96 23.79 24.30
N VAL B 270 1.49 22.77 23.59
CA VAL B 270 2.25 22.27 22.46
C VAL B 270 2.30 23.31 21.33
N LYS B 271 1.18 24.00 21.10
CA LYS B 271 1.16 25.06 20.11
C LYS B 271 2.15 26.18 20.51
N GLU B 272 2.21 26.49 21.79
CA GLU B 272 3.13 27.51 22.29
C GLU B 272 4.58 27.11 22.05
N ILE B 273 4.93 25.89 22.46
CA ILE B 273 6.27 25.35 22.27
C ILE B 273 6.69 25.37 20.81
N LEU B 274 5.77 25.02 19.92
CA LEU B 274 6.08 24.89 18.50
C LEU B 274 5.74 26.14 17.67
N LYS B 275 5.30 27.19 18.36
CA LYS B 275 4.93 28.43 17.69
C LYS B 275 3.89 28.22 16.60
N ILE B 276 2.88 27.42 16.90
CA ILE B 276 1.73 27.22 16.02
C ILE B 276 0.68 28.27 16.38
N PRO B 277 0.13 28.96 15.36
CA PRO B 277 -0.81 30.04 15.67
C PRO B 277 -1.95 29.60 16.59
N GLU B 278 -2.29 30.48 17.52
CA GLU B 278 -3.31 30.19 18.51
C GLU B 278 -4.67 29.87 17.90
N ASP B 279 -4.93 30.38 16.70
CA ASP B 279 -6.21 30.20 16.01
CA ASP B 279 -6.24 30.14 16.09
C ASP B 279 -6.26 28.88 15.23
N HIS B 280 -5.17 28.12 15.25
CA HIS B 280 -5.14 26.82 14.57
C HIS B 280 -5.64 25.73 15.51
N VAL B 281 -6.18 24.65 14.94
CA VAL B 281 -6.50 23.46 15.71
C VAL B 281 -5.29 22.53 15.60
N LEU B 282 -4.73 22.14 16.73
CA LEU B 282 -3.71 21.09 16.76
C LEU B 282 -4.44 19.76 16.91
N ILE B 283 -4.73 19.11 15.79
CA ILE B 283 -5.66 17.98 15.78
C ILE B 283 -5.03 16.65 16.19
N THR B 284 -3.76 16.44 15.87
CA THR B 284 -3.08 15.23 16.36
C THR B 284 -1.59 15.46 16.54
N LEU B 285 -0.99 14.66 17.41
CA LEU B 285 0.45 14.58 17.53
C LEU B 285 0.79 13.13 17.18
N ILE B 286 1.63 12.94 16.16
CA ILE B 286 1.96 11.59 15.69
C ILE B 286 3.33 11.16 16.22
N ALA B 287 3.35 10.12 17.06
CA ALA B 287 4.61 9.53 17.49
C ALA B 287 5.15 8.66 16.36
N VAL B 288 6.41 8.91 16.00
CA VAL B 288 7.04 8.15 14.93
C VAL B 288 8.32 7.52 15.44
N GLY B 289 8.49 6.23 15.16
CA GLY B 289 9.67 5.52 15.59
C GLY B 289 9.68 4.10 15.06
N TYR B 290 10.86 3.46 15.09
CA TYR B 290 10.95 2.03 14.79
C TYR B 290 10.34 1.25 15.94
N LEU B 291 9.93 0.03 15.67
CA LEU B 291 9.35 -0.84 16.69
C LEU B 291 10.37 -1.11 17.79
N GLY B 292 9.92 -1.01 19.03
CA GLY B 292 10.79 -1.23 20.17
C GLY B 292 10.43 -2.43 21.02
N ASP B 293 10.62 -2.27 22.33
CA ASP B 293 10.57 -3.38 23.28
C ASP B 293 9.28 -3.32 24.10
N GLU B 294 8.36 -4.25 23.83
CA GLU B 294 7.07 -4.29 24.52
C GLU B 294 7.19 -4.43 26.03
N SER B 295 8.34 -4.90 26.53
CA SER B 295 8.45 -5.12 27.96
C SER B 295 8.54 -3.81 28.74
N GLU B 296 8.71 -2.70 28.02
CA GLU B 296 8.69 -1.36 28.64
C GLU B 296 7.28 -0.84 28.86
N LEU B 297 6.29 -1.48 28.23
CA LEU B 297 4.91 -1.01 28.31
C LEU B 297 4.18 -1.45 29.57
N SER B 298 3.16 -0.67 29.95
CA SER B 298 2.23 -1.13 30.98
C SER B 298 1.62 -2.45 30.53
N GLU B 299 1.16 -3.25 31.48
CA GLU B 299 0.49 -4.52 31.16
C GLU B 299 -0.69 -4.26 30.24
N LYS B 300 -1.49 -3.25 30.56
CA LYS B 300 -2.62 -2.89 29.70
C LYS B 300 -2.22 -2.59 28.26
N HIS B 301 -1.14 -1.84 28.09
CA HIS B 301 -0.71 -1.47 26.74
C HIS B 301 -0.09 -2.67 26.04
N ARG B 302 0.67 -3.46 26.77
CA ARG B 302 1.27 -4.66 26.18
C ARG B 302 0.19 -5.64 25.70
N GLU B 303 -0.87 -5.78 26.48
CA GLU B 303 -1.97 -6.65 26.11
C GLU B 303 -2.72 -6.15 24.87
N LEU B 304 -2.91 -4.83 24.78
CA LEU B 304 -3.56 -4.27 23.60
C LEU B 304 -2.71 -4.57 22.38
N GLU B 305 -1.41 -4.44 22.55
CA GLU B 305 -0.44 -4.57 21.47
C GLU B 305 -0.37 -6.01 20.91
N ARG B 306 -0.35 -7.00 21.79
CA ARG B 306 -0.26 -8.39 21.33
C ARG B 306 -1.63 -9.02 21.02
N SER B 307 -2.71 -8.30 21.34
CA SER B 307 -4.04 -8.79 21.06
C SER B 307 -4.50 -8.44 19.65
N GLU B 308 -5.52 -9.15 19.17
CA GLU B 308 -6.02 -8.91 17.83
C GLU B 308 -6.79 -7.59 17.75
N ARG B 309 -6.92 -7.11 16.53
CA ARG B 309 -7.73 -5.94 16.19
C ARG B 309 -9.09 -5.98 16.88
N VAL B 310 -9.50 -4.86 17.46
CA VAL B 310 -10.84 -4.72 18.07
C VAL B 310 -11.71 -3.72 17.29
N ARG B 311 -12.80 -4.21 16.70
CA ARG B 311 -13.70 -3.34 15.93
C ARG B 311 -15.16 -3.78 16.06
N LYS B 312 -16.07 -2.83 15.88
CA LYS B 312 -17.51 -3.11 15.80
C LYS B 312 -17.78 -4.03 14.62
N GLU B 313 -18.86 -4.81 14.68
CA GLU B 313 -19.26 -5.60 13.52
C GLU B 313 -19.56 -4.64 12.37
N LEU B 314 -19.25 -5.07 11.15
CA LEU B 314 -19.47 -4.25 9.97
C LEU B 314 -20.90 -3.70 9.89
N SER B 315 -21.88 -4.50 10.28
CA SER B 315 -23.29 -4.08 10.20
C SER B 315 -23.59 -2.83 11.02
N GLU B 316 -22.72 -2.51 11.97
CA GLU B 316 -22.92 -1.32 12.79
C GLU B 316 -22.44 -0.06 12.11
N ILE B 317 -21.67 -0.21 11.03
CA ILE B 317 -21.10 0.97 10.39
C ILE B 317 -21.41 1.12 8.89
N VAL B 318 -21.98 0.09 8.28
CA VAL B 318 -22.37 0.20 6.87
C VAL B 318 -23.77 -0.35 6.60
N ARG B 319 -24.49 0.35 5.73
CA ARG B 319 -25.81 -0.08 5.27
C ARG B 319 -25.78 -0.06 3.75
N TRP B 320 -26.56 -0.94 3.12
CA TRP B 320 -26.59 -1.05 1.67
C TRP B 320 -27.94 -0.57 1.15
N ASN B 321 -27.92 0.43 0.27
CA ASN B 321 -29.14 1.01 -0.28
C ASN B 321 -30.10 1.34 0.84
N LEU B 322 -31.38 1.04 0.64
CA LEU B 322 -32.37 1.35 1.67
C LEU B 322 -32.98 0.07 2.22
#